data_6XUX
#
_entry.id   6XUX
#
_cell.length_a   67.450
_cell.length_b   84.460
_cell.length_c   140.320
_cell.angle_alpha   90.000
_cell.angle_beta   90.000
_cell.angle_gamma   90.000
#
_symmetry.space_group_name_H-M   'P 21 21 21'
#
loop_
_entity.id
_entity.type
_entity.pdbx_description
1 polymer 'Nanobody,Glucosidase YgjK,Glucosidase YgjK,Nanobody'
2 non-polymer 'CALCIUM ION'
3 water water
#
_entity_poly.entity_id   1
_entity_poly.type   'polypeptide(L)'
_entity_poly.pdbx_seq_one_letter_code
;QVQLVESGGGLVKEETQSGLNNYARVVEKGQYDSLEIPAQVAASWESGRDDAAVFGFIDKEQLDKYVANGGKRSDWTVKF
AENRSQDGTLLGYSLLQESVDQASYMYSDNHYLAEMATILGKPEEAKRYRQLAQQLADYINTCMFDPTTQFYYDVRIEDK
PLANGCAGKPIVERGKGPEGWSPLFNGAATQANADAVVKVMLDPKEFNTFVPLGTAALTNPAFGADIYWRGRVWVDQFWF
GLKGMERYGYRDDALKLADTFFRHAKGLTADGPIQENYNPLTGAQQGAPNFSWSAAHLYMLYNDFFRKQASGGGSGGGGS
GGGGSGNADNYKNVINRTGAPQYMKDYDYDDHQRFNPFFDLGAWHGHLLPDGPNTMGGFPGVALLTEEYINFMASNFDRL
TVWQDGKKVDFTLEAYSIPGALVQKLTAKDVQVEMTLRFATPRTSLLETKITSNKPLDLVWDGELLEKLEAKEGKPLSDK
TIAGEYPDYQRKISATRDGLKVTFGKVRATWDLLTSGESEYQVHKSLPVQTEINGNRFTSKAHINGSTTLYTTYSHLLTA
QEVSKEQMQIRDILARPAFYLTASQQRWEEYLKKGLTNPDATPEQTRVAVKAIETLNGNWRSPGGAVKFNTVTPSVTGRW
FSGNQTWPWDTWKQAFAMAHFNPDIAKENIRAVFSWQIQPGDSVRPQDVGFVPDLIAWNLSPERGGDGGNWNERNTKPSL
AAWSVMEVYNVTQDKTWVAEMYPKLVAYHDWWLRNRDHNGNGVPEYGATRDKAHNTESGEMLFTVKKSLRLSCAASGRTF
STAAMGWFRQAPGKERDFVAGIYWTVGSTYYADSAKGRFTISRDNAKNTVYLQMDSLKPEDTAVYYCAARRRGFTLAPTR
ANEYDYWGQGTQVTVSSHHHHHHEPEA
;
_entity_poly.pdbx_strand_id   A
#
loop_
_chem_comp.id
_chem_comp.type
_chem_comp.name
_chem_comp.formula
CA non-polymer 'CALCIUM ION' 'Ca 2'
#
# COMPACT_ATOMS: atom_id res chain seq x y z
N VAL A 2 -21.87 43.65 22.90
CA VAL A 2 -21.95 43.15 21.48
C VAL A 2 -21.61 41.65 21.37
N GLN A 3 -22.55 40.85 20.86
CA GLN A 3 -22.29 39.45 20.60
C GLN A 3 -22.69 39.03 19.19
N LEU A 4 -21.83 38.21 18.57
CA LEU A 4 -22.11 37.57 17.27
C LEU A 4 -22.09 36.06 17.46
N VAL A 5 -23.16 35.40 17.06
CA VAL A 5 -23.33 33.96 17.34
C VAL A 5 -23.51 33.27 15.98
N GLU A 6 -22.57 32.40 15.63
CA GLU A 6 -22.68 31.65 14.36
C GLU A 6 -23.39 30.32 14.54
N SER A 7 -24.01 29.85 13.45
CA SER A 7 -24.77 28.62 13.40
C SER A 7 -24.54 28.01 12.05
N GLY A 8 -24.86 26.72 11.95
CA GLY A 8 -25.00 26.06 10.66
C GLY A 8 -23.79 25.35 10.12
N GLY A 9 -22.74 25.20 10.93
CA GLY A 9 -21.56 24.48 10.47
C GLY A 9 -21.68 22.97 10.62
N GLY A 10 -20.55 22.27 10.54
CA GLY A 10 -20.51 20.81 10.69
C GLY A 10 -20.04 20.07 9.44
N LEU A 11 -20.26 18.76 9.41
CA LEU A 11 -19.86 17.95 8.26
C LEU A 11 -20.88 18.13 7.16
N VAL A 12 -20.39 18.57 6.01
CA VAL A 12 -21.18 18.74 4.79
C VAL A 12 -21.53 17.37 4.19
N LYS A 13 -22.78 17.24 3.78
CA LYS A 13 -23.27 16.00 3.22
C LYS A 13 -23.04 15.96 1.69
N GLU A 14 -23.27 14.78 1.12
CA GLU A 14 -23.04 14.50 -0.29
C GLU A 14 -24.35 14.11 -0.98
N GLU A 15 -24.38 14.24 -2.30
CA GLU A 15 -25.48 13.74 -3.08
C GLU A 15 -24.91 13.11 -4.34
N THR A 16 -25.37 11.89 -4.62
CA THR A 16 -25.03 11.18 -5.82
C THR A 16 -25.88 11.64 -7.00
N GLN A 17 -25.21 11.83 -8.13
CA GLN A 17 -25.83 12.16 -9.39
C GLN A 17 -25.32 11.16 -10.44
N SER A 18 -25.98 11.09 -11.59
CA SER A 18 -25.47 10.28 -12.68
C SER A 18 -25.53 10.91 -14.05
N GLY A 19 -24.62 10.50 -14.92
CA GLY A 19 -24.70 10.86 -16.33
C GLY A 19 -23.51 11.64 -16.75
N LEU A 20 -22.83 11.15 -17.79
CA LEU A 20 -21.64 11.81 -18.33
C LEU A 20 -21.98 13.15 -18.93
N ASN A 21 -23.16 13.24 -19.56
CA ASN A 21 -23.67 14.55 -19.98
C ASN A 21 -23.87 15.57 -18.82
N ASN A 22 -24.48 15.15 -17.70
CA ASN A 22 -24.61 16.01 -16.50
C ASN A 22 -23.27 16.42 -15.93
N TYR A 23 -22.34 15.48 -15.89
CA TYR A 23 -20.97 15.78 -15.45
C TYR A 23 -20.36 16.89 -16.31
N ALA A 24 -20.47 16.77 -17.63
CA ALA A 24 -19.86 17.74 -18.55
C ALA A 24 -20.49 19.12 -18.40
N ARG A 25 -21.80 19.16 -18.15
CA ARG A 25 -22.50 20.41 -17.80
C ARG A 25 -21.98 21.09 -16.52
N VAL A 26 -21.60 20.29 -15.51
CA VAL A 26 -20.98 20.86 -14.28
C VAL A 26 -19.56 21.41 -14.54
N VAL A 27 -18.74 20.65 -15.25
CA VAL A 27 -17.42 21.13 -15.72
C VAL A 27 -17.57 22.44 -16.53
N GLU A 28 -18.53 22.45 -17.45
CA GLU A 28 -18.81 23.62 -18.29
C GLU A 28 -19.18 24.87 -17.49
N LYS A 29 -19.94 24.66 -16.41
CA LYS A 29 -20.37 25.69 -15.50
C LYS A 29 -19.20 26.35 -14.75
N GLY A 30 -18.05 25.68 -14.69
CA GLY A 30 -16.88 26.19 -13.98
C GLY A 30 -16.61 25.43 -12.70
N GLN A 31 -17.38 24.37 -12.46
CA GLN A 31 -17.44 23.78 -11.12
C GLN A 31 -16.84 22.36 -11.02
N TYR A 32 -15.90 22.05 -11.92
CA TYR A 32 -15.07 20.82 -11.85
C TYR A 32 -14.62 20.43 -10.44
N ASP A 33 -14.11 21.42 -9.69
CA ASP A 33 -13.61 21.22 -8.31
C ASP A 33 -14.64 20.80 -7.27
N SER A 34 -15.93 20.91 -7.59
CA SER A 34 -16.97 20.47 -6.66
C SER A 34 -17.33 19.00 -6.84
N LEU A 35 -16.72 18.35 -7.81
CA LEU A 35 -17.09 16.96 -8.20
C LEU A 35 -16.12 15.93 -7.67
N GLU A 36 -16.67 14.76 -7.33
CA GLU A 36 -15.89 13.54 -7.07
C GLU A 36 -16.56 12.45 -7.95
N ILE A 37 -15.78 11.84 -8.84
CA ILE A 37 -16.26 10.81 -9.76
C ILE A 37 -15.55 9.52 -9.32
N PRO A 38 -16.31 8.54 -8.79
CA PRO A 38 -15.71 7.23 -8.37
C PRO A 38 -14.82 6.59 -9.46
N ALA A 39 -15.25 6.60 -10.72
CA ALA A 39 -14.43 6.06 -11.82
C ALA A 39 -13.11 6.79 -12.02
N GLN A 40 -13.11 8.10 -11.86
CA GLN A 40 -11.87 8.88 -11.94
C GLN A 40 -10.90 8.70 -10.73
N VAL A 41 -11.46 8.50 -9.53
CA VAL A 41 -10.68 8.13 -8.35
C VAL A 41 -9.98 6.76 -8.65
N ALA A 42 -10.74 5.84 -9.25
CA ALA A 42 -10.22 4.52 -9.58
C ALA A 42 -9.13 4.61 -10.68
N ALA A 43 -9.21 5.56 -11.61
CA ALA A 43 -8.17 5.68 -12.65
C ALA A 43 -6.86 6.15 -12.05
N SER A 44 -6.95 6.94 -10.98
CA SER A 44 -5.75 7.32 -10.21
C SER A 44 -5.15 6.10 -9.50
N TRP A 45 -5.99 5.14 -9.12
CA TRP A 45 -5.50 3.89 -8.56
C TRP A 45 -4.83 3.05 -9.62
N GLU A 46 -5.42 3.01 -10.83
CA GLU A 46 -4.84 2.30 -11.97
C GLU A 46 -3.42 2.80 -12.35
N SER A 47 -3.18 4.10 -12.23
CA SER A 47 -1.84 4.69 -12.49
C SER A 47 -0.79 4.23 -11.47
N GLY A 48 -1.27 3.94 -10.27
CA GLY A 48 -0.44 3.46 -9.19
C GLY A 48 0.27 4.54 -8.45
N ARG A 49 -0.08 5.78 -8.74
CA ARG A 49 0.50 6.99 -8.10
C ARG A 49 -0.68 7.87 -7.68
N ASP A 50 -1.21 7.55 -6.50
CA ASP A 50 -2.39 8.15 -5.87
C ASP A 50 -2.69 9.63 -6.09
N ASP A 51 -1.76 10.47 -5.67
CA ASP A 51 -1.93 11.90 -5.76
C ASP A 51 -0.70 12.54 -6.40
N ALA A 52 -0.29 12.00 -7.56
CA ALA A 52 0.80 12.58 -8.32
C ALA A 52 0.34 13.85 -9.01
N ALA A 53 1.32 14.75 -9.18
CA ALA A 53 1.12 16.07 -9.80
C ALA A 53 0.51 15.90 -11.18
N VAL A 54 0.98 14.92 -11.91
CA VAL A 54 0.55 14.76 -13.27
C VAL A 54 -0.92 14.49 -13.46
N PHE A 55 -1.54 13.91 -12.47
CA PHE A 55 -3.00 13.62 -12.46
C PHE A 55 -3.85 14.70 -11.83
N GLY A 56 -3.23 15.87 -11.61
CA GLY A 56 -3.95 17.09 -11.22
C GLY A 56 -3.92 17.46 -9.76
N PHE A 57 -3.14 16.71 -8.98
CA PHE A 57 -3.15 16.79 -7.52
C PHE A 57 -2.13 17.80 -7.00
N ILE A 58 -2.63 18.82 -6.31
CA ILE A 58 -1.83 19.99 -5.90
C ILE A 58 -2.59 20.67 -4.77
N ASP A 59 -1.91 21.04 -3.70
CA ASP A 59 -2.68 21.55 -2.58
C ASP A 59 -2.85 23.06 -2.72
N LYS A 60 -3.70 23.64 -1.87
CA LYS A 60 -4.08 25.06 -2.00
C LYS A 60 -2.87 26.00 -2.00
N GLU A 61 -1.98 25.85 -1.02
CA GLU A 61 -0.83 26.77 -0.87
C GLU A 61 0.11 26.66 -2.08
N GLN A 62 0.30 25.43 -2.56
CA GLN A 62 1.11 25.18 -3.75
C GLN A 62 0.50 25.82 -5.01
N LEU A 63 -0.82 25.70 -5.13
CA LEU A 63 -1.54 26.25 -6.27
C LEU A 63 -1.53 27.79 -6.27
N ASP A 64 -1.66 28.38 -5.08
CA ASP A 64 -1.53 29.86 -4.96
C ASP A 64 -0.17 30.33 -5.47
N LYS A 65 0.90 29.64 -5.06
CA LYS A 65 2.24 29.96 -5.51
C LYS A 65 2.39 29.78 -7.03
N TYR A 66 1.75 28.74 -7.58
CA TYR A 66 1.85 28.43 -8.99
C TYR A 66 1.26 29.56 -9.86
N VAL A 67 0.12 30.06 -9.44
CA VAL A 67 -0.56 31.19 -10.08
C VAL A 67 0.31 32.49 -9.96
N ALA A 68 0.84 32.72 -8.77
CA ALA A 68 1.72 33.88 -8.54
C ALA A 68 2.95 33.82 -9.47
N ASN A 69 3.34 32.61 -9.86
CA ASN A 69 4.46 32.44 -10.77
C ASN A 69 4.05 32.53 -12.25
N GLY A 70 2.76 32.77 -12.54
CA GLY A 70 2.32 32.84 -13.94
C GLY A 70 1.28 31.85 -14.45
N GLY A 71 1.00 30.79 -13.69
CA GLY A 71 0.11 29.73 -14.15
C GLY A 71 -1.37 29.94 -13.88
N LYS A 72 -2.22 29.10 -14.49
CA LYS A 72 -3.68 29.14 -14.26
C LYS A 72 -4.11 27.92 -13.50
N ARG A 73 -5.09 28.07 -12.60
CA ARG A 73 -5.62 26.93 -11.80
C ARG A 73 -6.19 25.80 -12.68
N SER A 74 -6.85 26.19 -13.77
CA SER A 74 -7.41 25.23 -14.72
C SER A 74 -6.35 24.30 -15.40
N ASP A 75 -5.06 24.64 -15.30
CA ASP A 75 -3.96 23.80 -15.79
C ASP A 75 -3.83 22.44 -15.09
N TRP A 76 -4.57 22.26 -13.98
CA TRP A 76 -4.55 21.05 -13.13
C TRP A 76 -5.79 20.15 -13.29
N THR A 77 -6.76 20.59 -14.09
CA THR A 77 -8.01 19.85 -14.35
C THR A 77 -7.75 18.73 -15.33
N VAL A 78 -8.20 17.53 -14.96
CA VAL A 78 -8.06 16.35 -15.82
C VAL A 78 -9.47 15.92 -16.24
N LYS A 79 -9.72 15.98 -17.53
CA LYS A 79 -11.04 15.57 -18.06
C LYS A 79 -11.13 14.05 -18.23
N PHE A 80 -12.34 13.56 -18.45
CA PHE A 80 -12.66 12.15 -18.28
C PHE A 80 -13.68 11.79 -19.32
N ALA A 81 -13.62 10.57 -19.82
CA ALA A 81 -14.52 10.17 -20.88
C ALA A 81 -14.90 8.68 -20.77
N GLU A 82 -16.00 8.30 -21.41
CA GLU A 82 -16.40 6.88 -21.48
C GLU A 82 -15.88 6.21 -22.74
N ASN A 83 -15.56 4.91 -22.61
CA ASN A 83 -14.96 4.11 -23.66
C ASN A 83 -16.03 3.18 -24.14
N ARG A 84 -16.37 3.27 -25.41
CA ARG A 84 -17.40 2.40 -26.04
C ARG A 84 -16.82 1.66 -27.25
N SER A 85 -17.30 0.44 -27.50
CA SER A 85 -16.89 -0.32 -28.66
C SER A 85 -17.68 0.16 -29.88
N GLN A 86 -17.36 -0.38 -31.05
CA GLN A 86 -18.08 -0.11 -32.30
C GLN A 86 -19.53 -0.51 -32.24
N ASP A 87 -19.82 -1.54 -31.43
CA ASP A 87 -21.19 -1.99 -31.11
C ASP A 87 -22.01 -0.92 -30.35
N GLY A 88 -21.34 -0.02 -29.63
CA GLY A 88 -21.97 0.83 -28.62
C GLY A 88 -21.84 0.36 -27.18
N THR A 89 -21.19 -0.79 -26.96
CA THR A 89 -21.13 -1.38 -25.61
C THR A 89 -20.24 -0.53 -24.72
N LEU A 90 -20.65 -0.36 -23.46
CA LEU A 90 -19.84 0.37 -22.48
C LEU A 90 -18.68 -0.53 -22.02
N LEU A 91 -17.45 -0.03 -22.18
CA LEU A 91 -16.25 -0.84 -21.94
C LEU A 91 -15.59 -0.43 -20.66
N GLY A 92 -15.79 0.83 -20.33
CA GLY A 92 -15.07 1.47 -19.23
C GLY A 92 -14.88 2.98 -19.47
N TYR A 93 -13.80 3.50 -18.91
CA TYR A 93 -13.57 4.93 -18.83
C TYR A 93 -12.09 5.16 -18.99
N SER A 94 -11.74 6.34 -19.47
CA SER A 94 -10.37 6.81 -19.58
C SER A 94 -10.19 8.27 -19.08
N LEU A 95 -9.05 8.57 -18.45
CA LEU A 95 -8.58 9.96 -18.40
C LEU A 95 -8.39 10.46 -19.82
N LEU A 96 -8.74 11.72 -20.09
CA LEU A 96 -8.40 12.32 -21.41
C LEU A 96 -6.94 12.79 -21.46
N GLN A 97 -6.04 11.82 -21.31
CA GLN A 97 -4.64 12.08 -21.03
C GLN A 97 -3.92 10.78 -21.32
N GLU A 98 -2.91 10.86 -22.18
CA GLU A 98 -2.05 9.73 -22.47
C GLU A 98 -0.78 9.85 -21.67
N SER A 99 -0.49 8.85 -20.85
CA SER A 99 0.60 8.94 -19.90
C SER A 99 1.87 8.36 -20.49
N VAL A 100 2.99 9.04 -20.32
CA VAL A 100 4.25 8.61 -20.89
C VAL A 100 4.77 7.34 -20.20
N ASP A 101 4.60 7.22 -18.88
CA ASP A 101 4.97 5.94 -18.21
C ASP A 101 4.12 4.75 -18.69
N GLN A 102 2.82 4.95 -18.88
CA GLN A 102 2.00 3.91 -19.44
C GLN A 102 2.30 3.58 -20.93
N ALA A 103 2.58 4.60 -21.76
CA ALA A 103 3.05 4.35 -23.12
C ALA A 103 4.36 3.56 -23.11
N SER A 104 5.30 3.92 -22.23
CA SER A 104 6.56 3.19 -22.19
C SER A 104 6.43 1.73 -21.71
N TYR A 105 5.54 1.49 -20.73
CA TYR A 105 5.23 0.12 -20.27
C TYR A 105 4.66 -0.71 -21.40
N MET A 106 3.79 -0.11 -22.21
CA MET A 106 3.19 -0.75 -23.36
C MET A 106 4.28 -1.06 -24.41
N TYR A 107 5.24 -0.14 -24.55
CA TYR A 107 6.41 -0.38 -25.38
C TYR A 107 7.16 -1.64 -24.92
N SER A 108 7.41 -1.72 -23.62
CA SER A 108 8.08 -2.89 -22.98
C SER A 108 7.27 -4.16 -23.13
N ASP A 109 5.95 -4.07 -22.94
CA ASP A 109 5.04 -5.20 -23.10
C ASP A 109 5.24 -5.83 -24.48
N ASN A 110 5.20 -4.96 -25.51
CA ASN A 110 5.40 -5.35 -26.91
C ASN A 110 6.78 -5.94 -27.16
N HIS A 111 7.81 -5.29 -26.63
CA HIS A 111 9.19 -5.71 -26.78
C HIS A 111 9.41 -7.13 -26.21
N TYR A 112 8.95 -7.39 -24.97
CA TYR A 112 9.06 -8.70 -24.35
C TYR A 112 8.14 -9.74 -24.96
N LEU A 113 6.94 -9.33 -25.38
CA LEU A 113 6.08 -10.25 -26.11
C LEU A 113 6.70 -10.70 -27.43
N ALA A 114 7.37 -9.80 -28.16
CA ALA A 114 8.08 -10.21 -29.38
C ALA A 114 9.17 -11.22 -29.05
N GLU A 115 9.94 -10.98 -28.00
CA GLU A 115 10.96 -11.97 -27.60
C GLU A 115 10.35 -13.37 -27.25
N MET A 116 9.24 -13.37 -26.51
CA MET A 116 8.53 -14.57 -26.21
C MET A 116 8.01 -15.33 -27.43
N ALA A 117 7.36 -14.63 -28.37
CA ALA A 117 6.94 -15.21 -29.69
C ALA A 117 8.16 -15.81 -30.41
N THR A 118 9.29 -15.11 -30.38
CA THR A 118 10.52 -15.65 -30.97
C THR A 118 10.97 -16.98 -30.31
N ILE A 119 11.10 -16.97 -28.97
CA ILE A 119 11.35 -18.18 -28.15
C ILE A 119 10.39 -19.31 -28.55
N LEU A 120 9.12 -18.97 -28.80
CA LEU A 120 8.09 -19.96 -29.12
C LEU A 120 7.93 -20.33 -30.62
N GLY A 121 8.76 -19.74 -31.49
CA GLY A 121 8.72 -20.09 -32.91
C GLY A 121 7.50 -19.55 -33.61
N LYS A 122 7.18 -18.29 -33.30
CA LYS A 122 6.01 -17.61 -33.88
C LYS A 122 6.50 -16.30 -34.52
N PRO A 123 7.28 -16.41 -35.64
CA PRO A 123 7.93 -15.19 -36.18
C PRO A 123 6.96 -14.10 -36.64
N GLU A 124 5.79 -14.48 -37.14
CA GLU A 124 4.82 -13.44 -37.58
C GLU A 124 4.23 -12.65 -36.41
N GLU A 125 3.95 -13.32 -35.29
CA GLU A 125 3.54 -12.63 -34.07
C GLU A 125 4.65 -11.72 -33.51
N ALA A 126 5.88 -12.23 -33.47
CA ALA A 126 7.04 -11.37 -33.15
C ALA A 126 7.10 -10.07 -34.03
N LYS A 127 6.78 -10.21 -35.32
CA LYS A 127 6.74 -9.07 -36.24
C LYS A 127 5.63 -8.07 -35.86
N ARG A 128 4.43 -8.59 -35.57
CA ARG A 128 3.36 -7.72 -35.06
C ARG A 128 3.78 -6.90 -33.82
N TYR A 129 4.39 -7.57 -32.84
CA TYR A 129 4.74 -6.94 -31.57
C TYR A 129 5.89 -5.94 -31.74
N ARG A 130 6.84 -6.24 -32.64
CA ARG A 130 7.93 -5.26 -32.97
C ARG A 130 7.39 -4.02 -33.66
N GLN A 131 6.41 -4.21 -34.54
CA GLN A 131 5.71 -3.09 -35.22
C GLN A 131 4.99 -2.18 -34.25
N LEU A 132 4.20 -2.77 -33.33
CA LEU A 132 3.48 -2.02 -32.29
C LEU A 132 4.43 -1.25 -31.37
N ALA A 133 5.52 -1.90 -30.95
CA ALA A 133 6.59 -1.23 -30.19
C ALA A 133 7.15 0.01 -30.93
N GLN A 134 7.50 -0.14 -32.20
CA GLN A 134 8.14 0.94 -32.96
C GLN A 134 7.19 2.13 -33.13
N GLN A 135 5.94 1.82 -33.49
CA GLN A 135 4.85 2.82 -33.47
C GLN A 135 4.75 3.56 -32.12
N LEU A 136 4.75 2.85 -30.99
CA LEU A 136 4.66 3.46 -29.67
C LEU A 136 5.89 4.32 -29.38
N ALA A 137 7.06 3.82 -29.75
CA ALA A 137 8.32 4.59 -29.59
C ALA A 137 8.30 5.90 -30.40
N ASP A 138 7.76 5.84 -31.62
CA ASP A 138 7.63 7.07 -32.41
C ASP A 138 6.70 8.10 -31.78
N TYR A 139 5.57 7.62 -31.24
CA TYR A 139 4.63 8.49 -30.51
C TYR A 139 5.26 9.08 -29.26
N ILE A 140 5.92 8.25 -28.47
CA ILE A 140 6.58 8.69 -27.25
C ILE A 140 7.66 9.76 -27.52
N ASN A 141 8.50 9.49 -28.51
CA ASN A 141 9.57 10.44 -28.88
C ASN A 141 9.14 11.70 -29.63
N THR A 142 8.04 11.64 -30.38
CA THR A 142 7.46 12.80 -31.08
C THR A 142 6.50 13.65 -30.23
N CYS A 143 5.60 12.98 -29.51
CA CYS A 143 4.49 13.62 -28.80
C CYS A 143 4.77 13.99 -27.36
N MET A 144 5.54 13.14 -26.66
CA MET A 144 5.70 13.24 -25.23
C MET A 144 6.99 13.93 -24.79
N PHE A 145 7.95 14.07 -25.72
CA PHE A 145 9.21 14.74 -25.40
C PHE A 145 9.08 16.22 -25.66
N ASP A 146 9.38 17.02 -24.65
CA ASP A 146 9.36 18.48 -24.82
C ASP A 146 10.74 19.07 -25.11
N PRO A 147 10.94 19.63 -26.33
CA PRO A 147 12.30 20.11 -26.65
C PRO A 147 12.80 21.23 -25.72
N THR A 148 11.94 22.18 -25.34
CA THR A 148 12.34 23.31 -24.46
C THR A 148 12.90 22.87 -23.11
N THR A 149 12.13 22.08 -22.36
CA THR A 149 12.53 21.64 -21.03
C THR A 149 13.32 20.32 -21.04
N GLN A 150 13.57 19.78 -22.23
CA GLN A 150 14.33 18.53 -22.41
C GLN A 150 13.92 17.42 -21.45
N PHE A 151 12.65 17.01 -21.52
CA PHE A 151 12.12 15.99 -20.64
C PHE A 151 10.85 15.46 -21.24
N TYR A 152 10.41 14.30 -20.75
CA TYR A 152 9.14 13.72 -21.18
C TYR A 152 8.02 14.02 -20.20
N TYR A 153 6.80 14.14 -20.77
CA TYR A 153 5.59 14.37 -20.02
C TYR A 153 4.42 13.64 -20.66
N ASP A 154 3.37 13.45 -19.86
CA ASP A 154 2.07 13.03 -20.36
C ASP A 154 1.57 14.10 -21.35
N VAL A 155 0.64 13.71 -22.23
CA VAL A 155 -0.06 14.67 -23.11
C VAL A 155 -1.56 14.62 -22.81
N ARG A 156 -2.27 15.75 -22.99
CA ARG A 156 -3.74 15.65 -22.99
C ARG A 156 -4.28 15.06 -24.28
N ILE A 157 -5.41 14.38 -24.18
CA ILE A 157 -6.23 14.17 -25.34
C ILE A 157 -7.04 15.47 -25.53
N GLU A 158 -6.57 16.33 -26.43
CA GLU A 158 -7.27 17.59 -26.73
C GLU A 158 -8.44 17.35 -27.67
N ASP A 159 -9.27 18.37 -27.87
CA ASP A 159 -10.46 18.27 -28.71
C ASP A 159 -10.18 17.76 -30.14
N LYS A 160 -9.10 18.25 -30.75
CA LYS A 160 -8.54 17.64 -31.97
C LYS A 160 -7.04 17.40 -31.78
N PRO A 161 -6.46 16.39 -32.52
CA PRO A 161 -5.01 16.20 -32.55
C PRO A 161 -4.24 17.38 -33.14
N LEU A 162 -2.96 17.48 -32.81
CA LEU A 162 -2.06 18.47 -33.40
C LEU A 162 -1.79 18.11 -34.86
N ALA A 163 -1.12 19.01 -35.59
CA ALA A 163 -0.85 18.84 -37.02
C ALA A 163 -0.08 17.57 -37.31
N ASN A 164 0.84 17.19 -36.42
CA ASN A 164 1.66 15.96 -36.57
C ASN A 164 1.00 14.65 -36.10
N GLY A 165 -0.23 14.72 -35.60
CA GLY A 165 -0.98 13.56 -35.17
C GLY A 165 -1.02 13.33 -33.67
N CYS A 166 -0.19 14.02 -32.90
CA CYS A 166 -0.18 13.88 -31.45
C CYS A 166 -1.52 14.30 -30.87
N ALA A 167 -2.04 13.53 -29.91
CA ALA A 167 -3.31 13.84 -29.23
C ALA A 167 -3.36 15.21 -28.58
N GLY A 168 -2.19 15.71 -28.15
CA GLY A 168 -2.08 17.05 -27.59
C GLY A 168 -0.67 17.37 -27.18
N LYS A 169 -0.49 18.56 -26.62
CA LYS A 169 0.84 19.05 -26.24
C LYS A 169 1.31 18.42 -24.92
N PRO A 170 2.63 18.29 -24.74
CA PRO A 170 3.04 17.75 -23.44
C PRO A 170 2.61 18.61 -22.28
N ILE A 171 2.18 18.02 -21.15
CA ILE A 171 1.72 18.80 -19.97
C ILE A 171 2.90 19.32 -19.12
N VAL A 172 3.73 20.16 -19.73
CA VAL A 172 4.97 20.64 -19.09
C VAL A 172 4.66 21.39 -17.78
N GLU A 173 3.54 22.11 -17.75
CA GLU A 173 3.18 23.00 -16.62
C GLU A 173 2.90 22.30 -15.29
N ARG A 174 2.57 21.01 -15.32
CA ARG A 174 2.38 20.27 -14.07
C ARG A 174 3.73 19.79 -13.51
N GLY A 175 4.80 20.01 -14.27
CA GLY A 175 6.16 19.78 -13.79
C GLY A 175 6.66 18.37 -14.05
N LYS A 176 7.90 18.15 -13.65
CA LYS A 176 8.60 16.89 -13.96
C LYS A 176 8.40 15.86 -12.87
N GLY A 177 8.29 14.61 -13.31
CA GLY A 177 8.18 13.47 -12.40
C GLY A 177 8.94 12.25 -12.91
N PRO A 178 8.93 11.17 -12.12
CA PRO A 178 9.64 9.95 -12.53
C PRO A 178 9.16 9.35 -13.85
N GLU A 179 7.91 9.60 -14.24
CA GLU A 179 7.43 9.15 -15.52
C GLU A 179 8.34 9.66 -16.69
N GLY A 180 9.12 10.70 -16.43
CA GLY A 180 10.01 11.28 -17.42
C GLY A 180 11.13 10.36 -17.83
N TRP A 181 11.57 9.48 -16.92
CA TRP A 181 12.61 8.50 -17.28
C TRP A 181 12.04 7.09 -17.56
N SER A 182 10.72 6.98 -17.56
CA SER A 182 10.09 5.74 -17.96
C SER A 182 10.47 5.33 -19.40
N PRO A 183 10.58 6.28 -20.36
CA PRO A 183 11.05 5.87 -21.71
C PRO A 183 12.46 5.32 -21.70
N LEU A 184 13.32 5.82 -20.82
CA LEU A 184 14.68 5.26 -20.72
C LEU A 184 14.70 3.82 -20.14
N PHE A 185 14.03 3.62 -19.01
CA PHE A 185 13.95 2.31 -18.35
C PHE A 185 13.45 1.26 -19.31
N ASN A 186 12.40 1.60 -20.06
CA ASN A 186 11.70 0.70 -20.94
C ASN A 186 12.29 0.59 -22.33
N GLY A 187 13.27 1.45 -22.63
CA GLY A 187 14.04 1.44 -23.88
C GLY A 187 13.34 2.03 -25.10
N ALA A 188 12.28 2.81 -24.91
CA ALA A 188 11.62 3.54 -26.02
C ALA A 188 12.35 4.81 -26.43
N ALA A 189 13.09 5.42 -25.50
CA ALA A 189 13.81 6.67 -25.72
C ALA A 189 14.82 6.54 -26.87
N THR A 190 14.94 7.58 -27.70
CA THR A 190 16.08 7.71 -28.61
C THR A 190 17.29 8.11 -27.75
N GLN A 191 18.49 7.94 -28.30
CA GLN A 191 19.71 8.29 -27.55
C GLN A 191 19.74 9.79 -27.18
N ALA A 192 19.41 10.67 -28.13
CA ALA A 192 19.42 12.11 -27.91
C ALA A 192 18.47 12.51 -26.78
N ASN A 193 17.24 12.03 -26.86
CA ASN A 193 16.27 12.26 -25.80
C ASN A 193 16.71 11.70 -24.43
N ALA A 194 17.36 10.54 -24.44
CA ALA A 194 17.84 9.96 -23.18
C ALA A 194 18.90 10.84 -22.55
N ASP A 195 19.84 11.31 -23.38
CA ASP A 195 20.94 12.17 -22.90
C ASP A 195 20.37 13.41 -22.23
N ALA A 196 19.36 14.00 -22.86
CA ALA A 196 18.67 15.16 -22.32
C ALA A 196 18.05 14.81 -20.94
N VAL A 197 17.45 13.62 -20.84
CA VAL A 197 16.71 13.27 -19.60
C VAL A 197 17.72 13.06 -18.45
N VAL A 198 18.84 12.43 -18.77
CA VAL A 198 19.83 12.02 -17.75
C VAL A 198 20.45 13.28 -17.19
N LYS A 199 20.66 14.27 -18.07
CA LYS A 199 21.11 15.57 -17.56
C LYS A 199 20.18 16.23 -16.51
N VAL A 200 18.87 16.16 -16.72
CA VAL A 200 17.88 16.64 -15.74
C VAL A 200 17.92 15.77 -14.46
N MET A 201 18.03 14.44 -14.62
CA MET A 201 18.06 13.53 -13.46
C MET A 201 19.24 13.88 -12.53
N LEU A 202 20.37 14.20 -13.14
CA LEU A 202 21.59 14.52 -12.39
C LEU A 202 21.69 16.01 -11.99
N ASP A 203 20.67 16.78 -12.33
CA ASP A 203 20.65 18.20 -11.95
C ASP A 203 20.24 18.27 -10.48
N PRO A 204 21.11 18.86 -9.62
CA PRO A 204 20.75 19.08 -8.19
C PRO A 204 19.53 20.00 -7.97
N LYS A 205 19.07 20.71 -9.01
CA LYS A 205 17.86 21.56 -8.89
C LYS A 205 16.58 20.75 -9.23
N GLU A 206 16.78 19.55 -9.78
CA GLU A 206 15.65 18.73 -10.24
C GLU A 206 15.51 17.47 -9.39
N PHE A 207 16.35 16.46 -9.66
CA PHE A 207 16.21 15.13 -9.01
C PHE A 207 17.41 14.68 -8.22
N ASN A 208 18.54 15.36 -8.39
CA ASN A 208 19.74 14.91 -7.76
C ASN A 208 19.82 15.40 -6.32
N THR A 209 18.95 14.83 -5.50
CA THR A 209 18.76 15.27 -4.12
C THR A 209 19.51 14.38 -3.15
N PHE A 210 19.47 14.75 -1.87
CA PHE A 210 20.10 14.00 -0.76
C PHE A 210 19.84 12.46 -0.89
N VAL A 211 18.59 12.09 -1.14
CA VAL A 211 18.30 10.74 -1.66
C VAL A 211 17.72 11.07 -3.03
N PRO A 212 18.41 10.70 -4.14
CA PRO A 212 17.96 11.19 -5.42
C PRO A 212 16.81 10.39 -6.07
N LEU A 213 16.26 11.02 -7.13
CA LEU A 213 15.23 10.46 -8.04
C LEU A 213 13.90 10.24 -7.36
N GLY A 214 13.40 11.30 -6.72
CA GLY A 214 12.10 11.28 -6.04
C GLY A 214 10.93 11.38 -7.00
N THR A 215 9.72 11.40 -6.44
CA THR A 215 8.47 11.34 -7.21
C THR A 215 8.01 12.65 -7.82
N ALA A 216 8.79 13.70 -7.61
CA ALA A 216 8.55 15.01 -8.25
C ALA A 216 9.84 15.78 -8.16
N ALA A 217 10.21 16.44 -9.26
CA ALA A 217 11.40 17.30 -9.21
C ALA A 217 11.21 18.44 -8.18
N LEU A 218 12.32 18.94 -7.65
CA LEU A 218 12.26 20.10 -6.74
C LEU A 218 11.53 21.30 -7.36
N THR A 219 11.67 21.48 -8.67
CA THR A 219 11.03 22.54 -9.44
C THR A 219 9.54 22.23 -9.70
N ASN A 220 9.04 21.05 -9.30
CA ASN A 220 7.63 20.72 -9.55
C ASN A 220 6.74 21.65 -8.70
N PRO A 221 5.78 22.35 -9.31
CA PRO A 221 4.93 23.26 -8.53
C PRO A 221 4.20 22.57 -7.36
N ALA A 222 3.96 21.26 -7.48
CA ALA A 222 3.24 20.52 -6.45
C ALA A 222 4.18 19.68 -5.58
N PHE A 223 5.49 19.85 -5.73
CA PHE A 223 6.50 19.18 -4.86
C PHE A 223 6.33 19.48 -3.37
N GLY A 224 6.43 18.44 -2.55
CA GLY A 224 6.60 18.57 -1.11
C GLY A 224 7.47 17.39 -0.68
N ALA A 225 8.50 17.68 0.11
CA ALA A 225 9.45 16.63 0.52
C ALA A 225 8.80 15.46 1.30
N ASP A 226 7.60 15.68 1.85
CA ASP A 226 6.86 14.69 2.61
C ASP A 226 5.65 14.09 1.94
N ILE A 227 5.34 14.52 0.72
CA ILE A 227 4.17 13.97 -0.01
C ILE A 227 4.53 12.66 -0.73
N TYR A 228 3.75 11.61 -0.48
CA TYR A 228 4.08 10.23 -0.92
C TYR A 228 4.44 10.23 -2.41
N TRP A 229 3.54 10.79 -3.22
CA TRP A 229 3.68 10.74 -4.66
C TRP A 229 4.10 12.03 -5.36
N ARG A 230 4.46 13.05 -4.58
CA ARG A 230 4.91 14.33 -5.12
C ARG A 230 6.16 14.82 -4.46
N GLY A 231 7.05 13.88 -4.16
CA GLY A 231 8.37 14.26 -3.73
C GLY A 231 9.17 13.12 -3.16
N ARG A 232 8.51 12.28 -2.38
CA ARG A 232 9.21 11.17 -1.76
C ARG A 232 9.79 10.20 -2.75
N VAL A 233 10.89 9.57 -2.33
CA VAL A 233 11.63 8.64 -3.14
C VAL A 233 11.17 7.21 -2.84
N TRP A 234 10.75 6.54 -3.89
CA TRP A 234 10.48 5.11 -3.83
C TRP A 234 11.60 4.31 -4.49
N VAL A 235 11.86 3.15 -3.93
CA VAL A 235 12.93 2.27 -4.39
C VAL A 235 12.70 1.75 -5.81
N ASP A 236 11.43 1.47 -6.18
CA ASP A 236 11.17 1.05 -7.55
C ASP A 236 11.57 2.08 -8.61
N GLN A 237 11.10 3.32 -8.42
CA GLN A 237 11.33 4.37 -9.40
C GLN A 237 12.80 4.82 -9.38
N PHE A 238 13.40 4.79 -8.21
CA PHE A 238 14.87 4.95 -8.12
C PHE A 238 15.62 3.90 -8.98
N TRP A 239 15.25 2.62 -8.81
CA TRP A 239 15.91 1.58 -9.55
C TRP A 239 15.62 1.71 -11.06
N PHE A 240 14.36 2.00 -11.44
CA PHE A 240 14.02 2.24 -12.85
C PHE A 240 14.91 3.32 -13.44
N GLY A 241 15.15 4.37 -12.64
CA GLY A 241 15.99 5.50 -13.00
C GLY A 241 17.40 5.01 -13.31
N LEU A 242 18.01 4.31 -12.37
CA LEU A 242 19.35 3.78 -12.60
C LEU A 242 19.47 2.84 -13.80
N LYS A 243 18.49 1.93 -13.96
CA LYS A 243 18.45 1.00 -15.08
C LYS A 243 18.35 1.74 -16.41
N GLY A 244 17.54 2.80 -16.44
CA GLY A 244 17.36 3.64 -17.63
C GLY A 244 18.65 4.31 -17.99
N MET A 245 19.33 4.84 -16.98
CA MET A 245 20.63 5.46 -17.19
C MET A 245 21.62 4.49 -17.81
N GLU A 246 21.80 3.34 -17.14
CA GLU A 246 22.69 2.29 -17.61
C GLU A 246 22.37 1.90 -19.08
N ARG A 247 21.08 1.80 -19.40
CA ARG A 247 20.66 1.44 -20.75
C ARG A 247 21.22 2.37 -21.85
N TYR A 248 21.36 3.66 -21.54
CA TYR A 248 21.85 4.62 -22.53
C TYR A 248 23.28 5.14 -22.29
N GLY A 249 24.09 4.41 -21.52
CA GLY A 249 25.55 4.64 -21.51
C GLY A 249 26.12 5.25 -20.24
N TYR A 250 25.26 5.43 -19.24
CA TYR A 250 25.64 6.14 -18.01
C TYR A 250 25.68 5.25 -16.78
N ARG A 251 26.24 4.04 -16.90
CA ARG A 251 26.45 3.16 -15.76
C ARG A 251 27.29 3.86 -14.67
N ASP A 252 28.36 4.55 -15.07
CA ASP A 252 29.24 5.26 -14.10
C ASP A 252 28.46 6.16 -13.14
N ASP A 253 27.54 6.97 -13.70
CA ASP A 253 26.74 7.87 -12.89
C ASP A 253 25.70 7.14 -12.06
N ALA A 254 25.07 6.09 -12.65
CA ALA A 254 24.17 5.22 -11.90
C ALA A 254 24.86 4.67 -10.65
N LEU A 255 26.10 4.22 -10.82
CA LEU A 255 26.86 3.68 -9.70
C LEU A 255 27.05 4.76 -8.59
N LYS A 256 27.33 5.98 -9.02
CA LYS A 256 27.45 7.10 -8.08
C LYS A 256 26.16 7.36 -7.31
N LEU A 257 25.02 7.36 -8.01
CA LEU A 257 23.74 7.54 -7.36
C LEU A 257 23.40 6.40 -6.39
N ALA A 258 23.72 5.16 -6.78
CA ALA A 258 23.49 4.02 -5.92
C ALA A 258 24.28 4.18 -4.60
N ASP A 259 25.52 4.61 -4.71
CA ASP A 259 26.35 4.86 -3.56
C ASP A 259 25.75 5.97 -2.66
N THR A 260 25.28 7.05 -3.28
CA THR A 260 24.63 8.14 -2.56
C THR A 260 23.45 7.59 -1.78
N PHE A 261 22.62 6.78 -2.47
CA PHE A 261 21.46 6.18 -1.87
C PHE A 261 21.88 5.30 -0.69
N PHE A 262 22.92 4.48 -0.89
CA PHE A 262 23.38 3.63 0.21
C PHE A 262 23.82 4.42 1.47
N ARG A 263 24.46 5.55 1.25
CA ARG A 263 24.94 6.41 2.37
C ARG A 263 23.87 7.25 3.06
N HIS A 264 22.77 7.54 2.36
CA HIS A 264 21.85 8.56 2.82
C HIS A 264 20.44 8.07 3.18
N ALA A 265 20.00 6.94 2.60
CA ALA A 265 18.71 6.40 2.92
C ALA A 265 18.74 5.98 4.40
N LYS A 266 17.92 6.62 5.24
CA LYS A 266 18.00 6.37 6.69
C LYS A 266 17.59 4.96 7.07
N GLY A 267 18.36 4.38 7.98
CA GLY A 267 18.12 3.03 8.55
C GLY A 267 18.50 1.82 7.72
N LEU A 268 19.13 2.07 6.56
CA LEU A 268 19.46 1.05 5.62
C LEU A 268 20.34 -0.03 6.26
N THR A 269 21.34 0.39 7.01
CA THR A 269 22.24 -0.51 7.70
C THR A 269 21.91 -0.82 9.18
N ALA A 270 20.72 -0.41 9.61
CA ALA A 270 20.16 -0.75 10.92
C ALA A 270 19.22 -1.97 10.82
N ASP A 271 18.60 -2.36 11.94
CA ASP A 271 17.77 -3.55 12.03
C ASP A 271 16.24 -3.35 11.99
N GLY A 272 15.79 -2.19 11.53
CA GLY A 272 14.35 -1.94 11.42
C GLY A 272 13.80 -2.57 10.15
N PRO A 273 12.46 -2.68 10.08
CA PRO A 273 11.78 -3.24 8.87
C PRO A 273 11.92 -2.33 7.65
N ILE A 274 11.80 -2.93 6.47
CA ILE A 274 11.96 -2.18 5.23
C ILE A 274 10.65 -1.42 4.99
N GLN A 275 10.73 -0.11 4.68
CA GLN A 275 9.48 0.68 4.57
C GLN A 275 9.19 1.13 3.12
N GLU A 276 8.35 2.16 2.91
CA GLU A 276 7.91 2.45 1.53
C GLU A 276 8.73 3.47 0.79
N ASN A 277 9.09 4.56 1.49
CA ASN A 277 9.66 5.71 0.80
C ASN A 277 10.54 6.59 1.71
N TYR A 278 11.20 7.54 1.09
CA TYR A 278 12.14 8.40 1.79
C TYR A 278 11.91 9.89 1.43
N ASN A 279 12.13 10.73 2.41
CA ASN A 279 12.15 12.19 2.18
C ASN A 279 13.42 12.52 1.33
N PRO A 280 13.27 13.21 0.17
CA PRO A 280 14.44 13.37 -0.72
C PRO A 280 15.52 14.30 -0.17
N LEU A 281 15.12 15.10 0.83
CA LEU A 281 15.97 16.15 1.43
C LEU A 281 16.67 15.67 2.68
N THR A 282 16.03 14.76 3.41
CA THR A 282 16.55 14.28 4.71
C THR A 282 16.86 12.79 4.75
N GLY A 283 16.19 12.03 3.89
CA GLY A 283 16.37 10.60 3.83
C GLY A 283 15.56 9.86 4.86
N ALA A 284 14.67 10.55 5.58
CA ALA A 284 13.83 9.87 6.61
C ALA A 284 12.75 8.97 5.99
N GLN A 285 12.49 7.83 6.64
CA GLN A 285 11.61 6.77 6.08
C GLN A 285 10.17 6.89 6.53
N GLN A 286 9.28 6.38 5.70
CA GLN A 286 7.87 6.39 5.96
C GLN A 286 7.23 5.20 5.24
N GLY A 287 6.08 4.80 5.75
CA GLY A 287 5.24 3.83 5.07
C GLY A 287 5.24 2.51 5.80
N ALA A 288 4.46 1.56 5.26
CA ALA A 288 4.26 0.25 5.83
C ALA A 288 5.60 -0.48 6.02
N PRO A 289 5.83 -1.09 7.20
CA PRO A 289 6.98 -1.93 7.46
C PRO A 289 6.85 -3.32 6.72
N ASN A 290 7.98 -3.93 6.42
CA ASN A 290 8.05 -5.22 5.69
C ASN A 290 7.42 -5.13 4.27
N PHE A 291 7.76 -4.05 3.56
CA PHE A 291 7.11 -3.67 2.30
C PHE A 291 7.83 -4.39 1.17
N SER A 292 7.11 -5.28 0.49
CA SER A 292 7.65 -6.14 -0.52
C SER A 292 8.36 -5.45 -1.71
N TRP A 293 7.73 -4.49 -2.37
CA TRP A 293 8.43 -3.96 -3.56
C TRP A 293 9.66 -3.13 -3.22
N SER A 294 9.72 -2.64 -1.99
CA SER A 294 10.98 -2.06 -1.49
C SER A 294 12.07 -3.10 -1.27
N ALA A 295 11.69 -4.20 -0.65
CA ALA A 295 12.60 -5.35 -0.50
C ALA A 295 13.09 -5.79 -1.89
N ALA A 296 12.17 -5.95 -2.85
CA ALA A 296 12.51 -6.38 -4.19
C ALA A 296 13.52 -5.51 -4.91
N HIS A 297 13.31 -4.19 -4.90
CA HIS A 297 14.22 -3.26 -5.56
C HIS A 297 15.52 -2.99 -4.79
N LEU A 298 15.48 -3.08 -3.48
CA LEU A 298 16.72 -3.13 -2.67
C LEU A 298 17.55 -4.37 -3.00
N TYR A 299 16.89 -5.51 -3.23
CA TYR A 299 17.61 -6.69 -3.67
C TYR A 299 18.21 -6.44 -5.09
N MET A 300 17.44 -5.81 -5.99
CA MET A 300 17.89 -5.57 -7.38
CA MET A 300 17.93 -5.62 -7.36
C MET A 300 19.08 -4.63 -7.41
N LEU A 301 19.12 -3.75 -6.42
CA LEU A 301 20.19 -2.75 -6.28
C LEU A 301 21.43 -3.44 -5.78
N TYR A 302 21.26 -4.28 -4.77
CA TYR A 302 22.33 -5.21 -4.32
C TYR A 302 22.96 -5.92 -5.53
N ASN A 303 22.12 -6.53 -6.36
CA ASN A 303 22.55 -7.28 -7.52
C ASN A 303 23.29 -6.43 -8.59
N ASP A 304 22.76 -5.25 -8.91
CA ASP A 304 23.15 -4.45 -10.08
C ASP A 304 24.07 -3.25 -9.80
N PHE A 305 23.95 -2.65 -8.62
CA PHE A 305 24.51 -1.31 -8.42
C PHE A 305 25.32 -1.07 -7.15
N PHE A 306 25.05 -1.79 -6.07
CA PHE A 306 25.78 -1.55 -4.82
C PHE A 306 27.11 -2.27 -4.89
N ARG A 307 28.16 -1.62 -4.43
CA ARG A 307 29.44 -2.32 -4.35
C ARG A 307 30.37 -1.58 -3.41
N LYS A 308 31.49 -2.21 -3.07
CA LYS A 308 32.49 -1.58 -2.20
C LYS A 308 33.03 -0.36 -2.92
N GLN A 309 33.49 0.64 -2.17
CA GLN A 309 34.00 1.88 -2.76
C GLN A 309 35.50 1.96 -2.67
N ASN A 327 26.08 -20.59 8.52
CA ASN A 327 25.87 -19.74 7.34
C ASN A 327 24.69 -18.75 7.46
N ALA A 328 23.45 -19.24 7.67
CA ALA A 328 22.38 -18.34 8.17
C ALA A 328 22.77 -17.74 9.52
N ASP A 329 23.58 -18.49 10.29
CA ASP A 329 24.24 -18.00 11.52
C ASP A 329 25.07 -16.71 11.36
N ASN A 330 25.59 -16.44 10.17
CA ASN A 330 26.32 -15.22 9.90
C ASN A 330 25.45 -13.95 9.88
N TYR A 331 24.13 -14.12 9.97
CA TYR A 331 23.17 -13.02 9.83
C TYR A 331 22.17 -13.02 10.95
N LYS A 332 22.62 -12.69 12.15
CA LYS A 332 21.71 -12.63 13.32
C LYS A 332 21.03 -11.27 13.38
N ASN A 333 19.74 -11.28 13.65
CA ASN A 333 18.97 -10.07 14.00
C ASN A 333 19.04 -9.02 12.93
N VAL A 334 18.86 -9.47 11.69
CA VAL A 334 18.84 -8.57 10.54
C VAL A 334 17.63 -7.67 10.61
N ILE A 335 16.55 -8.19 11.13
CA ILE A 335 15.37 -7.44 11.42
C ILE A 335 15.00 -7.68 12.87
N ASN A 336 14.73 -6.64 13.62
CA ASN A 336 14.29 -6.77 15.02
C ASN A 336 12.90 -7.44 15.11
N ARG A 337 12.89 -8.71 15.57
CA ARG A 337 11.64 -9.49 15.70
C ARG A 337 11.23 -9.67 17.17
N THR A 338 11.76 -8.82 18.04
CA THR A 338 11.37 -8.85 19.45
C THR A 338 10.02 -8.13 19.60
N GLY A 339 9.26 -8.48 20.64
CA GLY A 339 8.16 -7.61 21.03
C GLY A 339 7.25 -8.32 21.99
N ALA A 340 6.41 -7.58 22.68
CA ALA A 340 5.39 -8.18 23.54
C ALA A 340 4.06 -7.48 23.29
N PRO A 341 3.30 -7.89 22.25
CA PRO A 341 2.06 -7.16 22.02
C PRO A 341 1.08 -7.22 23.19
N GLN A 342 0.33 -6.13 23.37
CA GLN A 342 -0.67 -6.01 24.43
C GLN A 342 -2.05 -5.79 23.84
N TYR A 343 -2.12 -5.59 22.53
CA TYR A 343 -3.38 -5.32 21.84
C TYR A 343 -3.48 -6.23 20.64
N MET A 344 -4.71 -6.55 20.23
CA MET A 344 -4.92 -7.32 19.01
C MET A 344 -4.39 -6.51 17.81
N LYS A 345 -4.71 -5.21 17.81
CA LYS A 345 -4.28 -4.27 16.80
C LYS A 345 -3.32 -3.34 17.54
N ASP A 346 -2.06 -3.74 17.63
CA ASP A 346 -1.01 -2.95 18.28
C ASP A 346 -0.29 -2.16 17.17
N TYR A 347 -0.92 -1.04 16.77
CA TYR A 347 -0.57 -0.35 15.53
C TYR A 347 0.46 0.79 15.67
N ASP A 348 1.16 1.09 14.55
CA ASP A 348 1.97 2.30 14.46
C ASP A 348 1.04 3.47 14.08
N TYR A 349 1.60 4.61 13.72
CA TYR A 349 0.76 5.76 13.36
C TYR A 349 -0.12 5.53 12.10
N ASP A 350 0.35 4.71 11.16
CA ASP A 350 -0.37 4.42 9.92
C ASP A 350 -1.16 3.08 9.94
N ASP A 351 -1.54 2.64 11.13
CA ASP A 351 -2.37 1.44 11.39
C ASP A 351 -1.70 0.09 11.04
N HIS A 352 -0.37 0.07 11.00
CA HIS A 352 0.33 -1.15 10.64
C HIS A 352 0.80 -1.75 11.95
N GLN A 353 0.89 -3.08 12.00
CA GLN A 353 1.34 -3.73 13.24
C GLN A 353 2.79 -3.36 13.50
N ARG A 354 3.07 -2.86 14.71
CA ARG A 354 4.39 -2.29 15.08
C ARG A 354 5.49 -3.27 15.49
N PHE A 355 5.23 -4.55 15.25
CA PHE A 355 6.19 -5.64 15.53
C PHE A 355 6.40 -6.42 14.27
N ASN A 356 7.49 -7.20 14.21
CA ASN A 356 7.88 -7.90 12.98
C ASN A 356 7.93 -9.44 13.22
N PRO A 357 6.77 -10.10 13.29
CA PRO A 357 6.76 -11.55 13.51
C PRO A 357 7.43 -12.30 12.36
N PHE A 358 7.92 -13.49 12.72
CA PHE A 358 8.56 -14.42 11.80
C PHE A 358 7.49 -15.35 11.21
N PHE A 359 7.36 -15.34 9.88
CA PHE A 359 6.46 -16.16 9.09
C PHE A 359 7.34 -16.86 8.06
N ASP A 360 7.04 -18.13 7.76
CA ASP A 360 7.80 -18.84 6.72
C ASP A 360 6.87 -19.87 6.09
N LEU A 361 7.23 -20.30 4.87
CA LEU A 361 6.56 -21.44 4.16
C LEU A 361 5.18 -21.11 3.69
N GLY A 362 4.85 -19.82 3.66
CA GLY A 362 3.50 -19.42 3.33
C GLY A 362 2.48 -19.60 4.45
N ALA A 363 2.94 -19.78 5.69
CA ALA A 363 2.01 -20.01 6.83
C ALA A 363 1.15 -18.82 7.19
N TRP A 364 0.12 -19.07 8.00
CA TRP A 364 -0.90 -18.08 8.33
C TRP A 364 -0.85 -17.77 9.81
N HIS A 365 0.34 -17.92 10.43
CA HIS A 365 0.59 -17.43 11.78
C HIS A 365 2.11 -17.19 11.90
N GLY A 366 2.47 -16.33 12.85
CA GLY A 366 3.86 -15.90 13.01
C GLY A 366 4.21 -15.68 14.45
N HIS A 367 5.51 -15.56 14.70
CA HIS A 367 6.00 -15.54 16.05
C HIS A 367 6.99 -14.38 16.29
N LEU A 368 7.06 -13.91 17.52
CA LEU A 368 8.08 -12.91 17.94
C LEU A 368 9.08 -13.49 18.94
N LEU A 369 10.25 -12.85 19.02
CA LEU A 369 11.23 -13.10 20.06
C LEU A 369 10.84 -12.42 21.36
N PRO A 370 11.22 -13.03 22.49
CA PRO A 370 10.90 -12.40 23.78
C PRO A 370 11.74 -11.13 23.91
N ASP A 371 11.10 -10.02 24.32
CA ASP A 371 11.75 -8.71 24.55
C ASP A 371 12.79 -8.73 25.68
N GLY A 372 12.43 -9.33 26.80
CA GLY A 372 13.37 -9.59 27.89
C GLY A 372 12.92 -10.74 28.78
N PRO A 373 13.35 -10.73 30.07
CA PRO A 373 12.94 -11.76 31.04
C PRO A 373 11.45 -11.84 31.36
N ASN A 374 10.69 -10.80 31.05
CA ASN A 374 9.24 -10.86 31.22
C ASN A 374 8.53 -11.85 30.28
N THR A 375 9.11 -12.06 29.11
CA THR A 375 8.53 -12.97 28.10
C THR A 375 9.43 -14.19 27.81
N MET A 376 10.57 -14.23 28.51
CA MET A 376 11.54 -15.29 28.39
C MET A 376 10.90 -16.70 28.56
N GLY A 377 11.31 -17.64 27.69
CA GLY A 377 10.87 -19.03 27.77
C GLY A 377 9.73 -19.33 26.80
N GLY A 378 9.26 -18.27 26.16
CA GLY A 378 8.25 -18.38 25.12
C GLY A 378 8.57 -17.50 23.93
N PHE A 379 7.80 -17.69 22.87
CA PHE A 379 7.90 -16.81 21.73
C PHE A 379 6.61 -16.01 21.71
N PRO A 380 6.65 -14.75 22.22
CA PRO A 380 5.38 -14.06 22.46
C PRO A 380 4.64 -13.65 21.21
N GLY A 381 3.40 -13.21 21.42
CA GLY A 381 2.63 -12.57 20.35
C GLY A 381 2.48 -13.43 19.13
N VAL A 382 1.64 -14.43 19.29
CA VAL A 382 1.13 -15.25 18.24
C VAL A 382 0.34 -14.32 17.32
N ALA A 383 0.87 -14.07 16.13
CA ALA A 383 0.19 -13.26 15.10
C ALA A 383 -0.62 -14.20 14.18
N LEU A 384 -1.92 -13.95 14.02
CA LEU A 384 -2.77 -14.81 13.21
C LEU A 384 -3.18 -14.05 11.98
N LEU A 385 -3.13 -14.70 10.84
CA LEU A 385 -3.57 -14.04 9.64
C LEU A 385 -5.02 -14.51 9.43
N THR A 386 -5.96 -13.64 9.78
CA THR A 386 -7.34 -14.02 9.74
C THR A 386 -7.93 -13.65 8.41
N GLU A 387 -7.67 -14.52 7.41
CA GLU A 387 -8.12 -14.42 6.01
C GLU A 387 -7.50 -13.23 5.21
N GLU A 388 -7.71 -12.02 5.71
CA GLU A 388 -7.25 -10.81 5.00
C GLU A 388 -6.53 -9.80 5.93
N TYR A 389 -6.45 -10.10 7.24
CA TYR A 389 -5.83 -9.17 8.23
C TYR A 389 -4.89 -9.88 9.18
N ILE A 390 -3.93 -9.15 9.72
CA ILE A 390 -3.06 -9.69 10.79
C ILE A 390 -3.59 -9.17 12.14
N ASN A 391 -3.80 -10.10 13.06
CA ASN A 391 -4.31 -9.85 14.43
C ASN A 391 -3.54 -10.64 15.44
N PHE A 392 -3.05 -9.96 16.47
CA PHE A 392 -2.38 -10.63 17.59
C PHE A 392 -3.40 -11.37 18.45
N MET A 393 -3.07 -12.63 18.81
CA MET A 393 -3.91 -13.46 19.66
C MET A 393 -3.56 -13.42 21.13
N ALA A 394 -2.26 -13.42 21.45
CA ALA A 394 -1.83 -13.53 22.85
C ALA A 394 -0.49 -12.81 23.05
N SER A 395 -0.20 -12.41 24.29
CA SER A 395 1.15 -11.96 24.67
C SER A 395 2.00 -13.22 24.87
N ASN A 396 1.97 -13.77 26.07
CA ASN A 396 2.58 -15.05 26.32
C ASN A 396 1.59 -16.12 25.94
N PHE A 397 2.09 -17.16 25.30
CA PHE A 397 1.28 -18.31 24.98
C PHE A 397 2.22 -19.48 24.83
N ASP A 398 2.14 -20.38 25.77
CA ASP A 398 3.01 -21.58 25.86
C ASP A 398 4.43 -21.21 26.30
N ARG A 399 4.49 -20.25 27.23
CA ARG A 399 5.76 -19.83 27.80
C ARG A 399 6.20 -20.80 28.86
N LEU A 400 7.43 -21.29 28.76
CA LEU A 400 7.98 -22.22 29.74
C LEU A 400 8.66 -21.56 30.95
N THR A 401 8.27 -21.99 32.16
CA THR A 401 9.06 -21.72 33.36
C THR A 401 9.47 -23.05 34.03
N VAL A 402 10.58 -23.03 34.75
CA VAL A 402 11.16 -24.24 35.31
C VAL A 402 11.27 -24.09 36.84
N TRP A 403 10.86 -25.14 37.55
CA TRP A 403 10.73 -25.10 39.01
C TRP A 403 11.46 -26.25 39.70
N GLN A 404 12.12 -25.93 40.83
CA GLN A 404 12.68 -26.97 41.71
C GLN A 404 12.28 -26.68 43.15
N ASP A 405 11.73 -27.70 43.80
CA ASP A 405 11.19 -27.62 45.17
C ASP A 405 10.32 -26.38 45.42
N GLY A 406 9.58 -25.98 44.39
CA GLY A 406 8.70 -24.82 44.48
C GLY A 406 9.36 -23.46 44.34
N LYS A 407 10.66 -23.42 44.03
CA LYS A 407 11.33 -22.17 43.65
C LYS A 407 11.60 -22.15 42.15
N LYS A 408 11.18 -21.07 41.51
CA LYS A 408 11.46 -20.84 40.10
C LYS A 408 12.94 -20.69 39.81
N VAL A 409 13.39 -21.39 38.77
CA VAL A 409 14.76 -21.30 38.32
C VAL A 409 15.00 -19.93 37.65
N ASP A 410 16.09 -19.27 38.02
CA ASP A 410 16.51 -18.00 37.43
C ASP A 410 17.42 -18.16 36.21
N PHE A 411 16.91 -17.76 35.05
CA PHE A 411 17.70 -17.87 33.81
C PHE A 411 18.26 -16.57 33.27
N THR A 412 19.42 -16.68 32.65
CA THR A 412 19.95 -15.67 31.71
C THR A 412 19.33 -15.92 30.34
N LEU A 413 18.79 -14.88 29.70
CA LEU A 413 18.28 -14.98 28.30
C LEU A 413 19.31 -14.59 27.22
N GLU A 414 19.42 -15.39 26.17
CA GLU A 414 19.95 -14.91 24.90
C GLU A 414 18.96 -15.29 23.81
N ALA A 415 18.51 -14.34 23.02
CA ALA A 415 17.57 -14.67 21.97
C ALA A 415 17.92 -13.89 20.71
N TYR A 416 17.86 -14.57 19.56
CA TYR A 416 18.16 -14.00 18.24
C TYR A 416 17.32 -14.63 17.11
N SER A 417 17.17 -13.89 16.01
CA SER A 417 16.66 -14.47 14.77
C SER A 417 17.81 -14.68 13.82
N ILE A 418 17.62 -15.65 12.93
CA ILE A 418 18.46 -15.83 11.75
C ILE A 418 17.49 -15.99 10.58
N PRO A 419 17.97 -15.89 9.33
CA PRO A 419 17.09 -16.18 8.21
C PRO A 419 16.49 -17.60 8.37
N GLY A 420 15.16 -17.72 8.44
CA GLY A 420 14.53 -19.03 8.67
C GLY A 420 14.30 -19.57 10.10
N ALA A 421 14.77 -18.86 11.13
CA ALA A 421 14.54 -19.33 12.53
C ALA A 421 14.57 -18.28 13.62
N LEU A 422 13.92 -18.64 14.73
CA LEU A 422 14.04 -17.96 16.00
C LEU A 422 14.67 -18.91 17.02
N VAL A 423 15.64 -18.38 17.74
CA VAL A 423 16.44 -19.13 18.69
C VAL A 423 16.43 -18.40 20.05
N GLN A 424 16.19 -19.14 21.12
CA GLN A 424 16.46 -18.61 22.44
C GLN A 424 17.14 -19.60 23.34
N LYS A 425 18.10 -19.13 24.11
CA LYS A 425 18.83 -19.96 25.07
C LYS A 425 18.68 -19.39 26.47
N LEU A 426 18.35 -20.25 27.41
CA LEU A 426 18.18 -19.89 28.81
C LEU A 426 19.21 -20.66 29.60
N THR A 427 20.06 -19.93 30.32
CA THR A 427 21.13 -20.55 31.09
C THR A 427 20.97 -20.25 32.58
N ALA A 428 20.88 -21.29 33.39
CA ALA A 428 20.93 -21.18 34.85
C ALA A 428 22.12 -21.96 35.39
N LYS A 429 22.37 -21.85 36.69
CA LYS A 429 23.47 -22.57 37.34
C LYS A 429 23.46 -24.09 37.05
N ASP A 430 22.29 -24.71 37.16
CA ASP A 430 22.18 -26.17 37.03
C ASP A 430 21.15 -26.67 35.98
N VAL A 431 20.58 -25.77 35.20
CA VAL A 431 19.65 -26.11 34.12
C VAL A 431 19.98 -25.19 32.93
N GLN A 432 19.93 -25.76 31.74
CA GLN A 432 20.01 -24.98 30.52
C GLN A 432 18.84 -25.40 29.65
N VAL A 433 18.30 -24.45 28.92
CA VAL A 433 17.22 -24.74 27.95
C VAL A 433 17.61 -24.07 26.64
N GLU A 434 17.58 -24.83 25.55
CA GLU A 434 17.82 -24.34 24.21
C GLU A 434 16.53 -24.51 23.39
N MET A 435 16.01 -23.39 22.86
CA MET A 435 14.78 -23.36 22.06
C MET A 435 15.04 -22.92 20.62
N THR A 436 14.52 -23.67 19.65
CA THR A 436 14.70 -23.35 18.19
C THR A 436 13.30 -23.45 17.58
N LEU A 437 12.86 -22.38 16.96
CA LEU A 437 11.56 -22.36 16.27
C LEU A 437 11.74 -22.20 14.74
N ARG A 438 11.16 -23.13 13.97
CA ARG A 438 11.22 -23.09 12.48
C ARG A 438 9.83 -23.51 11.97
N PHE A 439 9.53 -23.28 10.70
CA PHE A 439 8.25 -23.65 10.12
C PHE A 439 8.37 -25.03 9.45
N ALA A 440 7.32 -25.83 9.54
CA ALA A 440 7.37 -27.24 9.14
C ALA A 440 6.50 -27.49 7.89
N THR A 441 5.31 -26.89 7.85
CA THR A 441 4.38 -26.96 6.72
C THR A 441 3.78 -25.56 6.51
N PRO A 442 2.97 -25.37 5.43
CA PRO A 442 2.35 -24.03 5.33
C PRO A 442 1.21 -23.68 6.33
N ARG A 443 0.99 -24.51 7.34
CA ARG A 443 0.09 -24.23 8.44
C ARG A 443 0.69 -24.45 9.82
N THR A 444 1.96 -24.90 9.92
CA THR A 444 2.49 -25.43 11.15
C THR A 444 3.94 -25.02 11.39
N SER A 445 4.20 -24.49 12.58
CA SER A 445 5.59 -24.22 13.01
C SER A 445 5.98 -25.30 14.02
N LEU A 446 7.28 -25.49 14.22
CA LEU A 446 7.80 -26.53 15.11
C LEU A 446 8.87 -25.97 16.04
N LEU A 447 8.66 -26.17 17.33
CA LEU A 447 9.62 -25.76 18.35
C LEU A 447 10.31 -26.97 18.97
N GLU A 448 11.63 -26.96 18.99
CA GLU A 448 12.42 -27.91 19.77
C GLU A 448 12.84 -27.24 21.09
N THR A 449 12.51 -27.86 22.21
CA THR A 449 12.87 -27.34 23.51
C THR A 449 13.79 -28.42 24.09
N LYS A 450 15.07 -28.11 24.21
CA LYS A 450 16.05 -29.03 24.75
C LYS A 450 16.42 -28.62 26.16
N ILE A 451 16.15 -29.48 27.15
CA ILE A 451 16.37 -29.20 28.57
C ILE A 451 17.54 -30.04 29.06
N THR A 452 18.58 -29.38 29.58
CA THR A 452 19.75 -30.07 30.17
C THR A 452 19.68 -29.87 31.69
N SER A 453 19.75 -30.99 32.43
CA SER A 453 19.60 -31.06 33.89
C SER A 453 20.06 -32.43 34.46
N ASN A 454 20.88 -32.40 35.49
CA ASN A 454 21.18 -33.62 36.23
C ASN A 454 20.23 -33.81 37.41
N LYS A 455 19.19 -32.99 37.51
CA LYS A 455 18.26 -33.16 38.62
C LYS A 455 16.83 -33.16 38.08
N PRO A 456 15.85 -33.71 38.85
CA PRO A 456 14.45 -33.60 38.41
C PRO A 456 13.97 -32.17 38.46
N LEU A 457 13.00 -31.84 37.61
CA LEU A 457 12.44 -30.49 37.49
C LEU A 457 10.93 -30.54 37.26
N ASP A 458 10.23 -29.49 37.69
CA ASP A 458 8.84 -29.31 37.34
C ASP A 458 8.77 -28.27 36.25
N LEU A 459 8.06 -28.58 35.18
CA LEU A 459 7.94 -27.63 34.11
C LEU A 459 6.54 -27.14 34.09
N VAL A 460 6.42 -25.86 33.77
CA VAL A 460 5.13 -25.18 33.68
C VAL A 460 5.09 -24.33 32.42
N TRP A 461 4.04 -24.51 31.63
CA TRP A 461 3.79 -23.61 30.50
C TRP A 461 2.54 -22.79 30.79
N ASP A 462 2.59 -21.49 30.49
CA ASP A 462 1.42 -20.62 30.70
C ASP A 462 1.11 -19.83 29.46
N GLY A 463 -0.14 -19.37 29.37
CA GLY A 463 -0.51 -18.50 28.27
C GLY A 463 -1.74 -17.71 28.68
N GLU A 464 -1.92 -16.58 28.01
CA GLU A 464 -3.07 -15.72 28.20
C GLU A 464 -3.46 -15.12 26.86
N LEU A 465 -4.75 -15.21 26.52
CA LEU A 465 -5.24 -14.53 25.31
C LEU A 465 -5.29 -13.03 25.62
N LEU A 466 -5.10 -12.20 24.60
CA LEU A 466 -5.22 -10.73 24.76
C LEU A 466 -6.64 -10.27 25.11
N GLU A 467 -6.75 -9.09 25.73
CA GLU A 467 -8.04 -8.57 26.13
C GLU A 467 -8.37 -7.28 25.41
N LYS A 468 -7.37 -6.42 25.26
CA LYS A 468 -7.55 -5.07 24.74
C LYS A 468 -7.47 -5.03 23.22
N LEU A 469 -8.37 -4.24 22.64
CA LEU A 469 -8.53 -4.22 21.20
C LEU A 469 -7.44 -3.50 20.40
N GLU A 470 -7.23 -2.20 20.68
CA GLU A 470 -6.50 -1.35 19.75
C GLU A 470 -5.74 -0.26 20.46
N ALA A 471 -4.51 -0.08 20.00
CA ALA A 471 -3.58 0.95 20.41
C ALA A 471 -2.99 1.56 19.14
N LYS A 472 -2.64 2.84 19.20
CA LYS A 472 -1.93 3.49 18.12
C LYS A 472 -0.72 4.17 18.75
N GLU A 473 0.45 3.83 18.25
CA GLU A 473 1.73 4.29 18.80
C GLU A 473 1.81 4.03 20.29
N GLY A 474 1.47 2.82 20.72
CA GLY A 474 1.52 2.40 22.14
C GLY A 474 0.44 2.91 23.08
N LYS A 475 -0.43 3.84 22.62
CA LYS A 475 -1.53 4.41 23.38
C LYS A 475 -2.88 3.82 22.99
N PRO A 476 -3.70 3.40 23.97
CA PRO A 476 -4.98 2.77 23.63
C PRO A 476 -5.87 3.75 22.86
N LEU A 477 -6.49 3.28 21.78
CA LEU A 477 -7.40 4.11 20.99
C LEU A 477 -8.72 4.34 21.70
N SER A 478 -9.16 3.34 22.46
CA SER A 478 -10.37 3.43 23.26
C SER A 478 -10.22 2.48 24.43
N ASP A 479 -11.28 2.34 25.21
CA ASP A 479 -11.28 1.31 26.26
C ASP A 479 -11.96 -0.01 25.82
N LYS A 480 -12.18 -0.15 24.51
CA LYS A 480 -12.83 -1.33 23.90
C LYS A 480 -12.01 -2.62 24.08
N THR A 481 -12.72 -3.74 24.21
CA THR A 481 -12.10 -5.05 24.36
C THR A 481 -12.36 -5.82 23.08
N ILE A 482 -11.49 -6.79 22.82
CA ILE A 482 -11.66 -7.74 21.71
C ILE A 482 -13.05 -8.36 21.72
N ALA A 483 -13.41 -8.88 22.90
CA ALA A 483 -14.68 -9.55 23.13
C ALA A 483 -15.89 -8.62 22.98
N GLY A 484 -15.84 -7.44 23.60
CA GLY A 484 -16.88 -6.37 23.42
C GLY A 484 -17.06 -5.94 21.98
N GLU A 485 -15.94 -5.65 21.32
CA GLU A 485 -15.97 -5.27 19.91
C GLU A 485 -16.44 -6.35 18.96
N TYR A 486 -16.03 -7.60 19.22
CA TYR A 486 -16.36 -8.74 18.35
C TYR A 486 -16.98 -9.87 19.14
N PRO A 487 -18.29 -9.79 19.47
CA PRO A 487 -18.97 -10.82 20.26
C PRO A 487 -19.04 -12.19 19.56
N ASP A 488 -18.90 -12.19 18.24
CA ASP A 488 -18.94 -13.42 17.48
C ASP A 488 -17.62 -14.20 17.58
N TYR A 489 -16.57 -13.56 18.06
CA TYR A 489 -15.24 -14.19 18.12
C TYR A 489 -15.19 -15.43 19.01
N GLN A 490 -15.83 -15.36 20.18
CA GLN A 490 -16.06 -16.54 21.06
C GLN A 490 -14.82 -17.42 21.22
N ARG A 491 -13.73 -16.78 21.60
CA ARG A 491 -12.44 -17.45 21.77
C ARG A 491 -12.56 -18.37 22.98
N LYS A 492 -12.00 -19.56 22.88
CA LYS A 492 -12.16 -20.55 23.93
C LYS A 492 -10.99 -21.48 23.88
N ILE A 493 -10.34 -21.62 25.02
CA ILE A 493 -9.21 -22.54 25.17
C ILE A 493 -9.72 -23.87 25.75
N SER A 494 -9.26 -24.97 25.18
CA SER A 494 -9.55 -26.33 25.68
C SER A 494 -8.28 -27.17 25.71
N ALA A 495 -8.18 -27.96 26.78
CA ALA A 495 -7.17 -29.04 26.85
C ALA A 495 -7.51 -30.07 25.81
N THR A 496 -6.49 -30.70 25.23
CA THR A 496 -6.69 -31.77 24.26
C THR A 496 -5.85 -33.01 24.67
N ARG A 497 -6.08 -34.12 23.94
CA ARG A 497 -5.31 -35.35 24.02
C ARG A 497 -3.82 -35.14 24.23
N ASP A 498 -3.26 -34.20 23.47
CA ASP A 498 -1.82 -34.03 23.40
C ASP A 498 -1.40 -32.55 23.44
N GLY A 499 -2.23 -31.71 24.08
CA GLY A 499 -1.92 -30.29 24.24
C GLY A 499 -3.16 -29.48 24.52
N LEU A 500 -3.41 -28.52 23.64
CA LEU A 500 -4.48 -27.57 23.79
C LEU A 500 -4.78 -26.92 22.46
N LYS A 501 -6.01 -26.43 22.34
CA LYS A 501 -6.42 -25.71 21.18
C LYS A 501 -7.15 -24.44 21.61
N VAL A 502 -7.22 -23.48 20.70
CA VAL A 502 -8.10 -22.32 20.84
C VAL A 502 -9.00 -22.38 19.66
N THR A 503 -10.29 -22.40 19.95
CA THR A 503 -11.33 -22.35 18.89
C THR A 503 -11.95 -20.93 18.79
N PHE A 504 -12.50 -20.58 17.63
CA PHE A 504 -12.98 -19.22 17.32
C PHE A 504 -14.32 -19.33 16.65
N GLY A 505 -15.22 -18.43 17.02
CA GLY A 505 -16.49 -18.28 16.29
C GLY A 505 -16.31 -17.61 14.95
N LYS A 506 -17.41 -17.58 14.17
CA LYS A 506 -17.48 -17.01 12.84
C LYS A 506 -17.59 -15.51 12.98
N VAL A 507 -16.59 -14.77 12.47
CA VAL A 507 -16.63 -13.27 12.53
C VAL A 507 -16.45 -12.80 11.12
N ARG A 508 -17.43 -12.03 10.63
CA ARG A 508 -17.38 -11.52 9.29
C ARG A 508 -17.20 -9.99 9.30
N ALA A 509 -16.28 -9.49 10.12
CA ALA A 509 -15.97 -8.05 10.26
C ALA A 509 -15.07 -7.68 9.08
N THR A 510 -15.73 -7.29 7.99
CA THR A 510 -15.14 -7.11 6.67
C THR A 510 -13.81 -6.38 6.59
N TRP A 511 -13.65 -5.37 7.44
CA TRP A 511 -12.51 -4.44 7.46
C TRP A 511 -11.44 -4.73 8.53
N ASP A 512 -11.62 -5.83 9.25
CA ASP A 512 -10.90 -6.05 10.53
C ASP A 512 -10.47 -7.46 10.88
N LEU A 513 -11.40 -8.38 10.74
CA LEU A 513 -11.23 -9.76 11.31
C LEU A 513 -12.22 -10.71 10.65
N LEU A 514 -11.67 -11.74 10.01
CA LEU A 514 -12.46 -12.65 9.20
C LEU A 514 -12.11 -14.08 9.57
N THR A 515 -13.12 -14.82 10.01
CA THR A 515 -12.96 -16.19 10.42
C THR A 515 -14.14 -17.00 9.91
N SER A 516 -13.90 -18.29 9.70
CA SER A 516 -14.89 -19.18 9.10
C SER A 516 -15.96 -19.72 10.08
N GLY A 517 -15.68 -19.63 11.38
CA GLY A 517 -16.36 -20.43 12.41
C GLY A 517 -15.72 -21.80 12.74
N GLU A 518 -14.77 -22.22 11.93
CA GLU A 518 -14.14 -23.52 12.09
C GLU A 518 -12.63 -23.41 12.21
N SER A 519 -12.12 -22.20 12.34
CA SER A 519 -10.67 -21.99 12.49
C SER A 519 -10.19 -22.31 13.89
N GLU A 520 -8.93 -22.74 14.02
CA GLU A 520 -8.40 -23.12 15.32
C GLU A 520 -6.91 -22.81 15.41
N TYR A 521 -6.46 -22.57 16.63
CA TYR A 521 -5.02 -22.52 16.89
C TYR A 521 -4.70 -23.66 17.79
N GLN A 522 -3.91 -24.59 17.28
CA GLN A 522 -3.64 -25.86 18.02
C GLN A 522 -2.21 -25.96 18.46
N VAL A 523 -2.05 -26.45 19.68
CA VAL A 523 -0.75 -26.79 20.26
C VAL A 523 -0.69 -28.32 20.50
N HIS A 524 0.24 -28.99 19.84
CA HIS A 524 0.49 -30.43 20.03
C HIS A 524 1.91 -30.60 20.57
N LYS A 525 2.07 -31.50 21.53
CA LYS A 525 3.39 -31.66 22.22
C LYS A 525 3.75 -33.14 22.25
N SER A 526 5.05 -33.41 22.21
CA SER A 526 5.55 -34.80 22.24
C SER A 526 5.52 -35.40 23.64
N LEU A 527 5.48 -34.54 24.64
CA LEU A 527 5.46 -34.90 26.04
C LEU A 527 4.02 -34.77 26.57
N PRO A 528 3.59 -35.73 27.43
CA PRO A 528 2.29 -35.66 28.12
C PRO A 528 2.29 -34.55 29.15
N VAL A 529 1.31 -33.66 29.07
CA VAL A 529 1.18 -32.53 30.01
C VAL A 529 -0.25 -32.49 30.58
N GLN A 530 -0.41 -31.98 31.79
CA GLN A 530 -1.76 -31.81 32.39
C GLN A 530 -2.09 -30.33 32.26
N THR A 531 -3.22 -29.99 31.64
CA THR A 531 -3.52 -28.62 31.22
C THR A 531 -4.78 -28.14 31.92
N GLU A 532 -4.69 -27.01 32.62
CA GLU A 532 -5.82 -26.37 33.32
C GLU A 532 -6.19 -25.09 32.59
N ILE A 533 -7.47 -24.94 32.24
CA ILE A 533 -8.00 -23.69 31.66
C ILE A 533 -8.63 -22.87 32.78
N ASN A 534 -8.32 -21.57 32.82
CA ASN A 534 -9.01 -20.65 33.70
C ASN A 534 -9.42 -19.42 32.89
N GLY A 535 -10.62 -19.49 32.32
CA GLY A 535 -11.11 -18.49 31.36
C GLY A 535 -10.20 -18.29 30.15
N ASN A 536 -9.60 -17.10 30.03
CA ASN A 536 -8.73 -16.76 28.91
CA ASN A 536 -8.74 -16.75 28.90
C ASN A 536 -7.29 -17.17 29.14
N ARG A 537 -7.04 -17.82 30.29
CA ARG A 537 -5.67 -18.33 30.65
C ARG A 537 -5.58 -19.87 30.64
N PHE A 538 -4.34 -20.39 30.56
CA PHE A 538 -4.09 -21.80 30.68
C PHE A 538 -2.78 -21.97 31.41
N THR A 539 -2.67 -23.07 32.14
CA THR A 539 -1.38 -23.56 32.67
C THR A 539 -1.26 -25.07 32.30
N SER A 540 -0.09 -25.49 31.80
CA SER A 540 0.22 -26.91 31.56
C SER A 540 1.41 -27.31 32.43
N LYS A 541 1.37 -28.50 33.04
CA LYS A 541 2.47 -28.92 33.94
C LYS A 541 2.98 -30.28 33.55
N ALA A 542 4.27 -30.54 33.79
CA ALA A 542 4.81 -31.89 33.69
C ALA A 542 5.99 -31.99 34.62
N HIS A 543 6.30 -33.20 35.06
CA HIS A 543 7.52 -33.44 35.86
C HIS A 543 8.52 -34.27 35.04
N ILE A 544 9.80 -33.88 35.08
CA ILE A 544 10.85 -34.62 34.36
C ILE A 544 11.94 -35.01 35.36
N ASN A 545 12.65 -36.11 35.09
CA ASN A 545 13.59 -36.69 36.06
C ASN A 545 15.03 -36.44 35.68
N GLY A 546 15.23 -35.74 34.57
CA GLY A 546 16.53 -35.29 34.12
C GLY A 546 16.38 -34.69 32.73
N SER A 547 17.51 -34.59 32.04
CA SER A 547 17.57 -34.03 30.69
C SER A 547 16.52 -34.65 29.77
N THR A 548 15.83 -33.79 29.02
CA THR A 548 14.68 -34.19 28.15
C THR A 548 14.68 -33.25 26.96
N THR A 549 14.34 -33.75 25.78
CA THR A 549 14.03 -32.89 24.66
C THR A 549 12.57 -33.11 24.33
N LEU A 550 11.87 -32.03 24.06
CA LEU A 550 10.50 -32.18 23.58
C LEU A 550 10.26 -31.36 22.33
N TYR A 551 9.18 -31.67 21.63
CA TYR A 551 8.88 -31.06 20.32
C TYR A 551 7.42 -30.58 20.44
N THR A 552 7.16 -29.34 19.97
CA THR A 552 5.82 -28.71 20.05
C THR A 552 5.47 -28.16 18.67
N THR A 553 4.26 -28.43 18.19
CA THR A 553 3.83 -27.82 16.94
C THR A 553 2.77 -26.75 17.26
N TYR A 554 2.78 -25.68 16.48
CA TYR A 554 1.74 -24.62 16.58
C TYR A 554 1.12 -24.51 15.24
N SER A 555 -0.21 -24.58 15.19
CA SER A 555 -0.87 -24.60 13.91
C SER A 555 -2.04 -23.63 13.88
N HIS A 556 -2.04 -22.73 12.90
CA HIS A 556 -3.22 -21.90 12.66
C HIS A 556 -3.97 -22.44 11.47
N LEU A 557 -5.19 -22.87 11.75
CA LEU A 557 -6.00 -23.61 10.74
C LEU A 557 -7.32 -22.89 10.55
N LEU A 558 -7.61 -22.56 9.30
CA LEU A 558 -8.62 -21.56 8.96
C LEU A 558 -9.96 -22.12 8.53
N THR A 559 -9.96 -23.41 8.17
CA THR A 559 -11.20 -24.10 7.75
C THR A 559 -11.30 -25.48 8.41
N ALA A 560 -12.51 -26.06 8.46
CA ALA A 560 -12.72 -27.44 8.93
C ALA A 560 -11.86 -28.46 8.17
N GLN A 561 -11.78 -28.26 6.84
CA GLN A 561 -10.96 -29.10 5.97
C GLN A 561 -9.48 -29.04 6.33
N GLU A 562 -9.00 -27.83 6.58
CA GLU A 562 -7.60 -27.64 7.01
C GLU A 562 -7.35 -28.27 8.38
N VAL A 563 -8.29 -28.15 9.32
CA VAL A 563 -8.16 -28.73 10.66
C VAL A 563 -8.02 -30.24 10.50
N SER A 564 -8.94 -30.81 9.71
CA SER A 564 -8.87 -32.21 9.33
C SER A 564 -7.57 -32.67 8.65
N LYS A 565 -7.20 -32.02 7.55
CA LYS A 565 -6.02 -32.40 6.76
C LYS A 565 -4.71 -32.29 7.56
N GLU A 566 -4.63 -31.30 8.45
CA GLU A 566 -3.39 -31.09 9.17
C GLU A 566 -3.05 -32.17 10.24
N GLN A 567 -4.06 -32.87 10.75
CA GLN A 567 -3.82 -33.79 11.86
C GLN A 567 -2.73 -34.82 11.51
N MET A 568 -2.86 -35.44 10.32
CA MET A 568 -1.89 -36.40 9.80
CA MET A 568 -1.88 -36.41 9.81
C MET A 568 -0.50 -35.76 9.70
N GLN A 569 -0.45 -34.53 9.24
CA GLN A 569 0.80 -33.79 9.12
C GLN A 569 1.42 -33.50 10.46
N ILE A 570 0.57 -33.13 11.41
CA ILE A 570 1.02 -32.83 12.79
C ILE A 570 1.62 -34.12 13.41
N ARG A 571 0.95 -35.26 13.21
CA ARG A 571 1.48 -36.56 13.70
C ARG A 571 2.84 -36.87 13.12
N ASP A 572 2.99 -36.60 11.82
CA ASP A 572 4.24 -36.79 11.08
CA ASP A 572 4.22 -36.80 11.11
C ASP A 572 5.39 -35.94 11.60
N ILE A 573 5.11 -34.65 11.86
CA ILE A 573 6.12 -33.71 12.32
C ILE A 573 6.60 -34.12 13.71
N LEU A 574 5.68 -34.46 14.60
CA LEU A 574 6.05 -34.95 15.94
C LEU A 574 6.82 -36.30 15.94
N ALA A 575 6.61 -37.09 14.88
CA ALA A 575 7.34 -38.34 14.67
C ALA A 575 8.71 -38.15 14.03
N ARG A 576 8.83 -37.13 13.17
CA ARG A 576 10.06 -36.87 12.38
C ARG A 576 10.63 -35.43 12.54
N PRO A 577 10.75 -34.94 13.78
CA PRO A 577 11.15 -33.53 13.92
C PRO A 577 12.51 -33.16 13.29
N ALA A 578 13.52 -34.03 13.40
CA ALA A 578 14.84 -33.75 12.79
C ALA A 578 14.74 -33.54 11.29
N PHE A 579 13.88 -34.30 10.61
CA PHE A 579 13.68 -34.13 9.19
C PHE A 579 13.15 -32.72 8.84
N TYR A 580 12.17 -32.24 9.59
CA TYR A 580 11.55 -30.97 9.25
C TYR A 580 12.46 -29.80 9.59
N LEU A 581 13.18 -29.90 10.71
CA LEU A 581 14.15 -28.86 11.07
C LEU A 581 15.26 -28.76 10.05
N THR A 582 15.77 -29.90 9.61
CA THR A 582 16.79 -29.91 8.57
C THR A 582 16.29 -29.37 7.22
N ALA A 583 15.06 -29.74 6.81
CA ALA A 583 14.45 -29.24 5.57
C ALA A 583 14.41 -27.70 5.59
N SER A 584 14.00 -27.12 6.71
CA SER A 584 13.97 -25.65 6.89
C SER A 584 15.37 -25.07 6.79
N GLN A 585 16.32 -25.62 7.54
CA GLN A 585 17.67 -25.07 7.51
C GLN A 585 18.20 -25.10 6.06
N GLN A 586 17.95 -26.18 5.35
CA GLN A 586 18.53 -26.33 3.99
C GLN A 586 17.86 -25.53 2.91
N ARG A 587 16.57 -25.24 3.09
CA ARG A 587 15.84 -24.41 2.13
C ARG A 587 16.44 -23.00 2.21
N TRP A 588 16.61 -22.52 3.44
CA TRP A 588 17.22 -21.23 3.71
C TRP A 588 18.66 -21.10 3.26
N GLU A 589 19.45 -22.18 3.39
CA GLU A 589 20.80 -22.17 2.77
C GLU A 589 20.73 -22.01 1.27
N GLU A 590 19.71 -22.62 0.64
CA GLU A 590 19.53 -22.40 -0.78
C GLU A 590 19.14 -20.93 -1.12
N TYR A 591 18.29 -20.31 -0.32
CA TYR A 591 17.89 -18.89 -0.61
C TYR A 591 19.11 -17.96 -0.63
N LEU A 592 20.00 -18.15 0.34
CA LEU A 592 21.20 -17.30 0.53
C LEU A 592 22.21 -17.62 -0.53
N LYS A 593 22.34 -18.91 -0.85
CA LYS A 593 23.27 -19.32 -1.90
C LYS A 593 22.90 -18.79 -3.29
N LYS A 594 21.62 -18.92 -3.66
CA LYS A 594 21.13 -18.40 -4.94
C LYS A 594 21.13 -16.84 -4.91
N GLY A 595 20.76 -16.28 -3.77
CA GLY A 595 20.50 -14.82 -3.69
C GLY A 595 21.73 -13.96 -3.55
N LEU A 596 22.77 -14.43 -2.87
CA LEU A 596 23.93 -13.57 -2.54
C LEU A 596 25.06 -13.67 -3.55
N THR A 597 24.78 -13.16 -4.73
CA THR A 597 25.65 -13.38 -5.87
C THR A 597 26.46 -12.17 -6.29
N ASN A 598 26.58 -11.18 -5.40
CA ASN A 598 27.44 -10.05 -5.66
C ASN A 598 28.76 -10.16 -4.86
N PRO A 599 29.88 -10.49 -5.55
CA PRO A 599 31.20 -10.69 -4.89
C PRO A 599 31.87 -9.38 -4.48
N ASP A 600 31.42 -8.28 -5.07
CA ASP A 600 31.97 -6.95 -4.86
C ASP A 600 31.19 -6.12 -3.85
N ALA A 601 30.19 -6.73 -3.21
CA ALA A 601 29.38 -6.10 -2.15
C ALA A 601 30.11 -6.09 -0.83
N THR A 602 29.94 -5.02 -0.07
CA THR A 602 30.42 -4.95 1.33
C THR A 602 29.53 -5.82 2.24
N PRO A 603 30.03 -6.15 3.46
CA PRO A 603 29.19 -6.77 4.51
C PRO A 603 27.84 -6.10 4.75
N GLU A 604 27.84 -4.77 4.85
CA GLU A 604 26.60 -4.05 5.08
C GLU A 604 25.63 -4.19 3.91
N GLN A 605 26.12 -4.14 2.70
CA GLN A 605 25.27 -4.30 1.51
C GLN A 605 24.65 -5.70 1.43
N THR A 606 25.49 -6.69 1.74
CA THR A 606 25.07 -8.08 1.77
C THR A 606 23.96 -8.28 2.77
N ARG A 607 24.13 -7.73 3.97
CA ARG A 607 23.13 -7.81 5.00
C ARG A 607 21.76 -7.16 4.59
N VAL A 608 21.83 -6.07 3.83
CA VAL A 608 20.60 -5.45 3.19
C VAL A 608 19.88 -6.44 2.27
N ALA A 609 20.65 -7.17 1.45
CA ALA A 609 20.10 -8.25 0.60
C ALA A 609 19.44 -9.33 1.44
N VAL A 610 20.05 -9.69 2.57
CA VAL A 610 19.47 -10.72 3.45
C VAL A 610 18.15 -10.20 4.06
N LYS A 611 18.13 -8.92 4.49
CA LYS A 611 16.89 -8.32 4.97
C LYS A 611 15.80 -8.39 3.91
N ALA A 612 16.14 -8.15 2.65
CA ALA A 612 15.16 -8.21 1.55
C ALA A 612 14.62 -9.64 1.34
N ILE A 613 15.53 -10.61 1.40
CA ILE A 613 15.16 -11.99 1.29
C ILE A 613 14.19 -12.38 2.40
N GLU A 614 14.51 -12.03 3.65
CA GLU A 614 13.66 -12.36 4.81
C GLU A 614 12.31 -11.72 4.66
N THR A 615 12.33 -10.46 4.25
CA THR A 615 11.07 -9.71 4.02
C THR A 615 10.15 -10.37 2.99
N LEU A 616 10.67 -10.59 1.77
CA LEU A 616 9.88 -11.20 0.74
C LEU A 616 9.37 -12.58 1.16
N ASN A 617 10.23 -13.42 1.75
CA ASN A 617 9.80 -14.78 2.10
C ASN A 617 8.77 -14.70 3.24
N GLY A 618 8.82 -13.63 4.06
CA GLY A 618 7.81 -13.43 5.09
C GLY A 618 6.43 -13.09 4.54
N ASN A 619 6.41 -12.48 3.37
CA ASN A 619 5.17 -11.94 2.74
C ASN A 619 4.52 -12.89 1.79
N TRP A 620 5.18 -14.01 1.60
CA TRP A 620 4.67 -15.18 0.84
C TRP A 620 3.58 -15.86 1.64
N ARG A 621 2.41 -16.05 1.01
CA ARG A 621 1.31 -16.83 1.58
C ARG A 621 1.00 -18.05 0.74
N SER A 622 0.69 -19.16 1.40
CA SER A 622 0.26 -20.42 0.73
C SER A 622 -1.16 -20.19 0.19
N PRO A 623 -1.68 -21.08 -0.68
CA PRO A 623 -3.05 -20.86 -1.16
C PRO A 623 -4.05 -20.76 -0.01
N GLY A 624 -5.14 -20.06 -0.28
CA GLY A 624 -6.18 -19.84 0.71
C GLY A 624 -7.42 -19.19 0.14
N GLY A 625 -8.59 -19.66 0.57
CA GLY A 625 -9.89 -19.26 -0.02
C GLY A 625 -9.85 -19.24 -1.55
N ALA A 626 -10.22 -18.09 -2.14
CA ALA A 626 -10.29 -17.96 -3.61
C ALA A 626 -8.97 -18.04 -4.34
N VAL A 627 -7.85 -17.86 -3.65
CA VAL A 627 -6.55 -17.79 -4.30
C VAL A 627 -5.95 -19.18 -4.20
N LYS A 628 -5.90 -19.84 -5.36
CA LYS A 628 -5.55 -21.26 -5.47
C LYS A 628 -4.03 -21.48 -5.57
N PHE A 629 -3.25 -20.41 -5.54
CA PHE A 629 -1.80 -20.55 -5.71
C PHE A 629 -1.08 -19.88 -4.54
N ASN A 630 0.18 -20.24 -4.27
CA ASN A 630 1.04 -19.40 -3.47
C ASN A 630 1.10 -17.96 -4.04
N THR A 631 1.16 -17.00 -3.13
CA THR A 631 1.19 -15.60 -3.55
C THR A 631 2.13 -14.81 -2.65
N VAL A 632 2.42 -13.57 -3.02
CA VAL A 632 3.23 -12.69 -2.15
C VAL A 632 2.47 -11.38 -2.03
N THR A 633 2.31 -10.90 -0.82
CA THR A 633 1.55 -9.63 -0.60
C THR A 633 2.50 -8.48 -0.33
N PRO A 634 2.01 -7.23 -0.37
CA PRO A 634 2.91 -6.07 -0.15
C PRO A 634 3.45 -6.04 1.29
N SER A 635 2.69 -6.53 2.28
CA SER A 635 3.21 -6.58 3.66
C SER A 635 2.36 -7.39 4.60
N VAL A 636 2.96 -8.44 5.15
CA VAL A 636 2.25 -9.25 6.14
C VAL A 636 1.78 -8.47 7.37
N THR A 637 2.48 -7.40 7.73
CA THR A 637 2.11 -6.60 8.89
C THR A 637 1.25 -5.38 8.55
N GLY A 638 0.93 -5.22 7.26
CA GLY A 638 0.26 -4.00 6.77
C GLY A 638 -1.22 -3.97 7.07
N ARG A 639 -1.74 -2.78 7.36
CA ARG A 639 -3.15 -2.62 7.66
C ARG A 639 -4.04 -3.16 6.55
N TRP A 640 -3.66 -2.92 5.30
CA TRP A 640 -4.52 -3.27 4.19
C TRP A 640 -3.83 -4.20 3.24
N PHE A 641 -2.65 -4.69 3.64
CA PHE A 641 -1.83 -5.47 2.70
C PHE A 641 -1.64 -6.92 3.13
N SER A 642 -2.35 -7.36 4.17
CA SER A 642 -2.10 -8.66 4.82
C SER A 642 -3.04 -9.77 4.34
N GLY A 643 -3.18 -10.86 5.12
CA GLY A 643 -3.80 -12.11 4.60
C GLY A 643 -3.08 -12.43 3.26
N ASN A 644 -3.82 -12.81 2.22
CA ASN A 644 -3.20 -13.11 0.91
C ASN A 644 -3.67 -12.13 -0.16
N GLN A 645 -4.03 -10.92 0.28
CA GLN A 645 -4.32 -9.80 -0.62
C GLN A 645 -3.19 -9.54 -1.62
N THR A 646 -3.51 -9.61 -2.89
CA THR A 646 -2.48 -9.61 -3.96
C THR A 646 -2.84 -8.60 -5.05
N TRP A 647 -1.85 -7.79 -5.44
CA TRP A 647 -1.91 -6.75 -6.48
C TRP A 647 -1.00 -7.11 -7.66
N PRO A 648 -1.41 -6.79 -8.90
CA PRO A 648 -0.59 -7.04 -10.12
C PRO A 648 0.74 -6.33 -10.15
N TRP A 649 0.70 -5.03 -9.89
CA TRP A 649 1.86 -4.12 -9.86
C TRP A 649 2.92 -4.54 -8.85
N ASP A 650 2.52 -4.78 -7.60
CA ASP A 650 3.40 -5.33 -6.55
C ASP A 650 4.00 -6.70 -6.98
N THR A 651 3.14 -7.56 -7.51
CA THR A 651 3.55 -8.85 -8.03
C THR A 651 4.66 -8.82 -9.07
N TRP A 652 4.55 -7.96 -10.07
CA TRP A 652 5.58 -7.97 -11.13
C TRP A 652 6.91 -7.66 -10.54
N LYS A 653 6.94 -6.68 -9.62
CA LYS A 653 8.21 -6.31 -8.98
C LYS A 653 8.75 -7.41 -8.07
N GLN A 654 7.86 -7.96 -7.23
CA GLN A 654 8.19 -9.06 -6.30
C GLN A 654 8.79 -10.27 -7.01
N ALA A 655 8.14 -10.70 -8.09
CA ALA A 655 8.54 -11.88 -8.87
C ALA A 655 9.83 -11.62 -9.67
N PHE A 656 10.06 -10.38 -10.13
CA PHE A 656 11.32 -10.01 -10.80
C PHE A 656 12.51 -10.31 -9.86
N ALA A 657 12.36 -9.95 -8.60
CA ALA A 657 13.42 -10.15 -7.61
C ALA A 657 13.42 -11.56 -7.03
N MET A 658 12.23 -12.11 -6.73
CA MET A 658 12.16 -13.47 -6.21
C MET A 658 12.64 -14.50 -7.21
N ALA A 659 12.62 -14.15 -8.51
CA ALA A 659 13.25 -15.00 -9.54
C ALA A 659 14.68 -15.46 -9.19
N HIS A 660 15.39 -14.56 -8.53
CA HIS A 660 16.83 -14.71 -8.29
C HIS A 660 17.17 -15.53 -7.05
N PHE A 661 16.18 -15.88 -6.21
CA PHE A 661 16.43 -16.65 -4.99
C PHE A 661 15.35 -17.69 -4.56
N ASN A 662 14.12 -17.47 -5.02
CA ASN A 662 13.00 -18.32 -4.71
C ASN A 662 12.13 -18.37 -5.98
N PRO A 663 12.68 -18.88 -7.10
CA PRO A 663 11.94 -18.85 -8.38
C PRO A 663 10.61 -19.61 -8.33
N ASP A 664 10.49 -20.64 -7.51
CA ASP A 664 9.23 -21.40 -7.48
C ASP A 664 8.06 -20.49 -7.00
N ILE A 665 8.32 -19.67 -5.96
CA ILE A 665 7.30 -18.74 -5.46
C ILE A 665 7.08 -17.52 -6.38
N ALA A 666 8.16 -17.07 -7.03
CA ALA A 666 8.04 -16.09 -8.11
C ALA A 666 7.00 -16.50 -9.16
N LYS A 667 7.10 -17.73 -9.65
CA LYS A 667 6.18 -18.23 -10.68
C LYS A 667 4.79 -18.33 -10.11
N GLU A 668 4.69 -18.76 -8.87
CA GLU A 668 3.37 -18.93 -8.21
C GLU A 668 2.65 -17.62 -8.07
N ASN A 669 3.41 -16.62 -7.59
CA ASN A 669 2.90 -15.25 -7.46
C ASN A 669 2.30 -14.72 -8.79
N ILE A 670 3.03 -14.82 -9.90
CA ILE A 670 2.48 -14.42 -11.20
C ILE A 670 1.21 -15.23 -11.58
N ARG A 671 1.25 -16.53 -11.31
CA ARG A 671 0.13 -17.41 -11.57
C ARG A 671 -1.10 -17.03 -10.75
N ALA A 672 -0.89 -16.67 -9.48
CA ALA A 672 -2.02 -16.27 -8.61
C ALA A 672 -2.77 -15.08 -9.21
N VAL A 673 -1.99 -14.11 -9.66
CA VAL A 673 -2.57 -12.94 -10.36
C VAL A 673 -3.26 -13.31 -11.66
N PHE A 674 -2.68 -14.21 -12.47
CA PHE A 674 -3.39 -14.55 -13.72
C PHE A 674 -4.58 -15.50 -13.57
N SER A 675 -4.64 -16.16 -12.40
CA SER A 675 -5.67 -17.13 -12.10
C SER A 675 -7.07 -16.49 -12.05
N TRP A 676 -7.14 -15.17 -11.95
CA TRP A 676 -8.41 -14.47 -11.93
C TRP A 676 -8.54 -13.49 -13.06
N GLN A 677 -7.65 -13.58 -14.05
CA GLN A 677 -7.86 -12.89 -15.33
C GLN A 677 -9.22 -13.21 -15.99
N ILE A 678 -9.84 -12.18 -16.60
CA ILE A 678 -11.20 -12.34 -17.12
C ILE A 678 -11.16 -13.20 -18.38
N GLN A 679 -12.05 -14.21 -18.44
CA GLN A 679 -12.18 -15.09 -19.60
C GLN A 679 -13.57 -14.95 -20.23
N PRO A 680 -13.71 -15.25 -21.54
CA PRO A 680 -15.05 -15.15 -22.16
C PRO A 680 -16.11 -15.89 -21.36
N GLY A 681 -17.30 -15.29 -21.29
CA GLY A 681 -18.39 -15.85 -20.52
C GLY A 681 -18.37 -15.55 -19.04
N ASP A 682 -17.51 -14.61 -18.60
CA ASP A 682 -17.43 -14.22 -17.19
C ASP A 682 -18.78 -13.69 -16.68
N SER A 683 -19.18 -14.01 -15.45
CA SER A 683 -20.53 -13.63 -14.95
C SER A 683 -20.75 -12.15 -14.67
N VAL A 684 -19.67 -11.43 -14.37
CA VAL A 684 -19.72 -10.04 -13.92
C VAL A 684 -19.36 -9.10 -15.07
N ARG A 685 -18.22 -9.32 -15.73
CA ARG A 685 -17.70 -8.39 -16.73
C ARG A 685 -17.24 -9.03 -18.05
N PRO A 686 -18.19 -9.55 -18.85
CA PRO A 686 -17.82 -10.17 -20.12
C PRO A 686 -17.16 -9.25 -21.13
N GLN A 687 -17.32 -7.94 -20.95
CA GLN A 687 -16.67 -6.91 -21.77
C GLN A 687 -15.21 -6.67 -21.40
N ASP A 688 -14.71 -7.38 -20.39
CA ASP A 688 -13.36 -7.17 -19.87
C ASP A 688 -12.42 -8.38 -20.04
N VAL A 689 -12.66 -9.19 -21.06
CA VAL A 689 -11.75 -10.33 -21.34
C VAL A 689 -10.28 -9.87 -21.40
N GLY A 690 -9.46 -10.54 -20.61
CA GLY A 690 -8.01 -10.28 -20.54
C GLY A 690 -7.59 -9.38 -19.38
N PHE A 691 -8.58 -8.74 -18.76
CA PHE A 691 -8.37 -7.83 -17.62
C PHE A 691 -7.85 -8.63 -16.43
N VAL A 692 -6.87 -8.03 -15.76
CA VAL A 692 -6.34 -8.57 -14.50
C VAL A 692 -6.86 -7.73 -13.34
N PRO A 693 -7.61 -8.29 -12.34
CA PRO A 693 -8.09 -7.43 -11.22
C PRO A 693 -7.01 -6.75 -10.41
N ASP A 694 -7.33 -5.58 -9.85
CA ASP A 694 -6.44 -4.80 -8.98
C ASP A 694 -6.10 -5.55 -7.71
N LEU A 695 -7.10 -6.20 -7.14
CA LEU A 695 -6.98 -6.82 -5.84
C LEU A 695 -7.74 -8.13 -5.80
N ILE A 696 -6.98 -9.21 -5.63
CA ILE A 696 -7.58 -10.53 -5.27
C ILE A 696 -7.18 -10.96 -3.84
N ALA A 697 -8.05 -11.72 -3.19
CA ALA A 697 -7.88 -12.10 -1.78
C ALA A 697 -8.70 -13.38 -1.47
N TRP A 698 -8.59 -13.83 -0.22
CA TRP A 698 -9.37 -14.94 0.34
C TRP A 698 -10.83 -14.88 -0.07
N ASN A 699 -11.46 -13.73 0.15
CA ASN A 699 -12.89 -13.63 -0.07
C ASN A 699 -13.21 -12.95 -1.38
N LEU A 700 -14.03 -13.64 -2.17
CA LEU A 700 -14.57 -13.09 -3.40
C LEU A 700 -15.50 -11.89 -3.11
N SER A 701 -15.61 -10.96 -4.02
CA SER A 701 -16.60 -9.85 -3.89
C SER A 701 -18.06 -10.41 -3.85
N PRO A 702 -19.04 -9.62 -3.35
CA PRO A 702 -20.45 -10.12 -3.35
C PRO A 702 -21.01 -10.38 -4.75
N GLU A 703 -20.57 -9.59 -5.73
CA GLU A 703 -20.94 -9.83 -7.15
C GLU A 703 -20.50 -11.21 -7.63
N ARG A 704 -19.44 -11.77 -7.02
CA ARG A 704 -18.98 -13.12 -7.30
C ARG A 704 -19.37 -14.18 -6.26
N GLY A 705 -20.28 -13.83 -5.35
CA GLY A 705 -20.85 -14.79 -4.44
C GLY A 705 -20.18 -14.89 -3.09
N GLY A 706 -19.16 -14.08 -2.83
CA GLY A 706 -18.55 -13.98 -1.51
C GLY A 706 -19.02 -12.79 -0.65
N ASP A 707 -18.35 -12.58 0.49
CA ASP A 707 -18.67 -11.49 1.41
C ASP A 707 -17.49 -10.57 1.63
N GLY A 708 -16.57 -10.54 0.65
CA GLY A 708 -15.29 -9.88 0.81
C GLY A 708 -15.38 -8.42 0.38
N GLY A 709 -14.69 -7.54 1.09
CA GLY A 709 -14.73 -6.10 0.79
C GLY A 709 -13.50 -5.59 0.08
N ASN A 710 -12.45 -6.41 0.02
CA ASN A 710 -11.23 -5.92 -0.60
C ASN A 710 -11.12 -6.26 -2.09
N TRP A 711 -11.65 -7.41 -2.50
CA TRP A 711 -11.61 -7.86 -3.88
C TRP A 711 -12.05 -6.69 -4.75
N ASN A 712 -11.17 -6.26 -5.65
CA ASN A 712 -11.43 -5.03 -6.37
C ASN A 712 -11.22 -5.22 -7.88
N GLU A 713 -12.28 -4.97 -8.64
CA GLU A 713 -12.20 -4.98 -10.13
C GLU A 713 -12.64 -3.69 -10.80
N ARG A 714 -12.48 -2.58 -10.09
CA ARG A 714 -12.82 -1.26 -10.62
C ARG A 714 -11.70 -0.71 -11.50
N ASN A 715 -10.50 -1.29 -11.40
CA ASN A 715 -9.35 -0.86 -12.18
C ASN A 715 -8.30 -2.00 -12.14
N THR A 716 -7.28 -1.88 -12.98
CA THR A 716 -6.13 -2.75 -12.92
C THR A 716 -4.95 -1.91 -12.37
N LYS A 717 -3.74 -2.20 -12.81
CA LYS A 717 -2.54 -1.46 -12.45
C LYS A 717 -1.64 -1.35 -13.68
N PRO A 718 -0.55 -0.56 -13.62
CA PRO A 718 0.27 -0.45 -14.85
C PRO A 718 0.97 -1.80 -15.14
N SER A 719 1.31 -2.03 -16.39
CA SER A 719 1.66 -3.36 -16.78
C SER A 719 3.14 -3.53 -16.97
N LEU A 720 3.73 -4.15 -15.95
CA LEU A 720 5.02 -4.81 -16.10
C LEU A 720 5.00 -6.35 -16.07
N ALA A 721 3.90 -6.93 -16.54
CA ALA A 721 3.76 -8.37 -16.57
C ALA A 721 4.78 -9.10 -17.49
N ALA A 722 4.96 -8.65 -18.74
CA ALA A 722 5.90 -9.31 -19.67
C ALA A 722 7.33 -9.24 -19.20
N TRP A 723 7.74 -8.06 -18.73
CA TRP A 723 9.04 -7.87 -18.06
C TRP A 723 9.30 -8.86 -16.91
N SER A 724 8.30 -9.09 -16.07
CA SER A 724 8.43 -9.96 -14.89
C SER A 724 8.49 -11.47 -15.35
N VAL A 725 7.59 -11.85 -16.23
CA VAL A 725 7.60 -13.20 -16.85
C VAL A 725 8.94 -13.47 -17.57
N MET A 726 9.43 -12.50 -18.36
CA MET A 726 10.73 -12.67 -18.99
C MET A 726 11.90 -12.82 -18.00
N GLU A 727 11.84 -12.11 -16.85
CA GLU A 727 12.90 -12.27 -15.84
C GLU A 727 12.95 -13.67 -15.24
N VAL A 728 11.78 -14.28 -15.04
CA VAL A 728 11.71 -15.66 -14.60
C VAL A 728 12.32 -16.58 -15.67
N TYR A 729 12.08 -16.29 -16.95
CA TYR A 729 12.75 -17.04 -18.02
C TYR A 729 14.27 -16.82 -18.06
N ASN A 730 14.72 -15.60 -17.80
CA ASN A 730 16.15 -15.28 -17.86
C ASN A 730 16.98 -16.03 -16.82
N VAL A 731 16.37 -16.46 -15.71
CA VAL A 731 17.08 -17.21 -14.64
C VAL A 731 16.84 -18.74 -14.71
N THR A 732 15.81 -19.18 -15.45
CA THR A 732 15.41 -20.58 -15.57
C THR A 732 15.50 -21.18 -16.97
N GLN A 733 15.39 -20.32 -17.98
CA GLN A 733 15.26 -20.73 -19.38
C GLN A 733 14.24 -21.89 -19.60
N ASP A 734 13.11 -21.83 -18.88
CA ASP A 734 12.06 -22.85 -18.96
C ASP A 734 11.07 -22.45 -20.08
N LYS A 735 11.12 -23.16 -21.21
CA LYS A 735 10.26 -22.81 -22.35
C LYS A 735 8.80 -23.05 -22.09
N THR A 736 8.51 -24.05 -21.26
CA THR A 736 7.13 -24.36 -20.91
C THR A 736 6.48 -23.19 -20.11
N TRP A 737 7.26 -22.55 -19.25
CA TRP A 737 6.87 -21.29 -18.53
C TRP A 737 6.43 -20.15 -19.46
N VAL A 738 7.24 -19.86 -20.48
CA VAL A 738 6.88 -18.87 -21.51
C VAL A 738 5.62 -19.30 -22.30
N ALA A 739 5.53 -20.58 -22.64
CA ALA A 739 4.38 -21.04 -23.42
C ALA A 739 3.11 -20.84 -22.62
N GLU A 740 3.18 -21.08 -21.31
CA GLU A 740 2.09 -20.98 -20.35
C GLU A 740 1.60 -19.55 -20.28
N MET A 741 2.56 -18.65 -20.11
CA MET A 741 2.32 -17.23 -19.81
C MET A 741 1.99 -16.33 -20.99
N TYR A 742 2.67 -16.57 -22.10
CA TYR A 742 2.49 -15.79 -23.32
C TYR A 742 1.01 -15.58 -23.76
N PRO A 743 0.15 -16.64 -23.77
CA PRO A 743 -1.26 -16.26 -24.13
C PRO A 743 -1.97 -15.36 -23.09
N LYS A 744 -1.63 -15.52 -21.81
CA LYS A 744 -2.25 -14.70 -20.77
C LYS A 744 -1.78 -13.23 -20.94
N LEU A 745 -0.47 -13.05 -21.16
CA LEU A 745 0.12 -11.76 -21.51
C LEU A 745 -0.50 -11.13 -22.77
N VAL A 746 -0.78 -11.93 -23.81
CA VAL A 746 -1.42 -11.41 -25.05
C VAL A 746 -2.84 -10.91 -24.78
N ALA A 747 -3.63 -11.71 -24.09
CA ALA A 747 -5.02 -11.32 -23.73
C ALA A 747 -5.05 -10.02 -22.89
N TYR A 748 -4.07 -9.88 -22.00
CA TYR A 748 -3.97 -8.64 -21.18
C TYR A 748 -3.59 -7.45 -22.05
N HIS A 749 -2.54 -7.62 -22.89
CA HIS A 749 -2.11 -6.61 -23.88
C HIS A 749 -3.30 -6.13 -24.75
N ASP A 750 -4.03 -7.09 -25.27
CA ASP A 750 -5.18 -6.81 -26.10
C ASP A 750 -6.29 -6.07 -25.36
N TRP A 751 -6.45 -6.37 -24.06
CA TRP A 751 -7.49 -5.73 -23.25
C TRP A 751 -7.22 -4.23 -23.11
N TRP A 752 -5.96 -3.86 -22.91
CA TRP A 752 -5.62 -2.45 -22.84
C TRP A 752 -6.05 -1.74 -24.12
N LEU A 753 -5.79 -2.37 -25.27
CA LEU A 753 -6.09 -1.74 -26.56
C LEU A 753 -7.57 -1.72 -26.91
N ARG A 754 -8.36 -2.66 -26.40
CA ARG A 754 -9.83 -2.53 -26.50
C ARG A 754 -10.45 -1.53 -25.52
N ASN A 755 -9.98 -1.52 -24.28
CA ASN A 755 -10.75 -0.88 -23.21
C ASN A 755 -10.12 0.39 -22.60
N ARG A 756 -8.90 0.71 -22.98
CA ARG A 756 -8.22 1.88 -22.43
C ARG A 756 -7.59 2.70 -23.54
N ASP A 757 -8.36 2.97 -24.58
CA ASP A 757 -7.85 3.72 -25.72
C ASP A 757 -9.03 4.47 -26.33
N HIS A 758 -9.43 5.49 -25.60
CA HIS A 758 -10.61 6.27 -25.94
C HIS A 758 -10.57 6.82 -27.38
N ASN A 759 -9.43 7.37 -27.79
CA ASN A 759 -9.28 7.94 -29.14
C ASN A 759 -8.80 6.96 -30.19
N GLY A 760 -8.63 5.69 -29.79
CA GLY A 760 -8.31 4.57 -30.70
C GLY A 760 -7.02 4.61 -31.50
N ASN A 761 -6.06 5.44 -31.04
CA ASN A 761 -4.81 5.71 -31.75
C ASN A 761 -3.73 4.65 -31.38
N GLY A 762 -4.06 3.69 -30.53
CA GLY A 762 -3.10 2.63 -30.13
C GLY A 762 -2.20 3.01 -28.97
N VAL A 763 -2.50 4.13 -28.30
CA VAL A 763 -1.67 4.68 -27.20
C VAL A 763 -2.58 4.77 -25.95
N PRO A 764 -2.37 3.90 -24.95
CA PRO A 764 -3.30 3.69 -23.79
C PRO A 764 -3.47 4.88 -22.86
N GLU A 765 -4.56 4.89 -22.14
CA GLU A 765 -4.74 5.88 -21.06
C GLU A 765 -5.01 5.05 -19.82
N TYR A 766 -4.74 5.61 -18.65
CA TYR A 766 -5.23 5.01 -17.42
C TYR A 766 -6.72 5.24 -17.34
N GLY A 767 -7.42 4.33 -16.67
CA GLY A 767 -8.88 4.32 -16.72
C GLY A 767 -9.52 3.47 -15.65
N ALA A 768 -10.79 3.17 -15.86
CA ALA A 768 -11.54 2.39 -14.91
C ALA A 768 -12.53 1.52 -15.66
N THR A 769 -12.98 0.46 -15.01
CA THR A 769 -13.94 -0.46 -15.61
C THR A 769 -15.38 0.00 -15.37
N ARG A 770 -16.33 -0.59 -16.10
CA ARG A 770 -17.71 -0.45 -15.76
C ARG A 770 -17.93 -1.25 -14.47
N ASP A 771 -18.48 -0.62 -13.44
CA ASP A 771 -18.56 -1.24 -12.11
C ASP A 771 -19.76 -0.71 -11.33
N LYS A 772 -20.25 -1.49 -10.34
CA LYS A 772 -21.35 -1.04 -9.43
C LYS A 772 -21.02 0.30 -8.73
N ALA A 773 -19.75 0.45 -8.32
CA ALA A 773 -19.21 1.72 -7.82
C ALA A 773 -19.12 2.86 -8.87
N HIS A 774 -19.16 2.53 -10.17
CA HIS A 774 -18.86 3.53 -11.21
C HIS A 774 -20.06 4.04 -11.99
N ASN A 775 -21.09 3.19 -12.10
CA ASN A 775 -22.24 3.51 -12.93
C ASN A 775 -23.50 2.87 -12.38
N THR A 776 -24.65 3.32 -12.89
CA THR A 776 -25.94 2.75 -12.53
C THR A 776 -26.11 1.48 -13.38
N GLU A 777 -27.11 0.67 -13.05
CA GLU A 777 -27.45 -0.52 -13.86
C GLU A 777 -27.51 -0.23 -15.39
N SER A 778 -28.01 0.96 -15.75
CA SER A 778 -28.19 1.37 -17.16
C SER A 778 -26.95 2.01 -17.81
N GLY A 779 -25.86 2.15 -17.07
CA GLY A 779 -24.60 2.62 -17.65
C GLY A 779 -24.34 4.11 -17.53
N GLU A 780 -25.05 4.75 -16.61
CA GLU A 780 -24.90 6.20 -16.39
C GLU A 780 -23.84 6.39 -15.33
N MET A 781 -22.77 7.07 -15.70
CA MET A 781 -21.62 7.32 -14.82
C MET A 781 -22.03 8.08 -13.53
N LEU A 782 -21.68 7.50 -12.39
CA LEU A 782 -21.89 8.14 -11.12
C LEU A 782 -20.90 9.25 -10.79
N PHE A 783 -21.41 10.26 -10.09
CA PHE A 783 -20.57 11.29 -9.51
C PHE A 783 -21.25 11.93 -8.32
N THR A 784 -20.46 12.58 -7.49
CA THR A 784 -20.88 13.06 -6.21
C THR A 784 -20.64 14.57 -6.14
N VAL A 785 -21.61 15.28 -5.57
CA VAL A 785 -21.47 16.70 -5.29
C VAL A 785 -21.81 16.92 -3.83
N LYS A 786 -21.21 17.93 -3.20
CA LYS A 786 -21.57 18.26 -1.82
C LYS A 786 -22.88 19.01 -1.80
N LYS A 787 -23.69 18.82 -0.75
CA LYS A 787 -24.90 19.62 -0.51
C LYS A 787 -24.49 21.09 -0.25
N SER A 788 -25.35 22.04 -0.62
CA SER A 788 -25.22 23.42 -0.10
C SER A 788 -25.24 23.44 1.43
N LEU A 789 -24.41 24.32 1.99
CA LEU A 789 -24.38 24.56 3.44
C LEU A 789 -24.61 26.05 3.67
N ARG A 790 -25.51 26.39 4.60
CA ARG A 790 -25.71 27.79 4.93
C ARG A 790 -25.27 28.08 6.35
N LEU A 791 -24.42 29.09 6.48
CA LEU A 791 -24.01 29.58 7.78
C LEU A 791 -24.80 30.82 8.10
N SER A 792 -25.06 31.02 9.40
CA SER A 792 -25.78 32.17 9.88
C SER A 792 -25.03 32.82 11.05
N CYS A 793 -25.20 34.13 11.18
CA CYS A 793 -24.58 34.89 12.26
C CYS A 793 -25.61 35.85 12.83
N ALA A 794 -26.03 35.58 14.06
CA ALA A 794 -26.99 36.43 14.77
C ALA A 794 -26.21 37.43 15.61
N ALA A 795 -26.44 38.71 15.32
CA ALA A 795 -25.81 39.81 16.01
C ALA A 795 -26.71 40.27 17.16
N SER A 796 -26.09 40.52 18.31
CA SER A 796 -26.78 41.02 19.50
C SER A 796 -26.09 42.30 19.99
N GLY A 797 -26.88 43.35 20.22
CA GLY A 797 -26.38 44.62 20.77
C GLY A 797 -26.63 45.80 19.85
N ARG A 798 -25.81 45.90 18.79
CA ARG A 798 -25.94 46.99 17.81
C ARG A 798 -26.20 46.47 16.40
N THR A 799 -27.19 47.07 15.72
CA THR A 799 -27.57 46.69 14.35
C THR A 799 -26.45 47.10 13.37
N PHE A 800 -26.13 46.26 12.40
CA PHE A 800 -25.01 46.54 11.48
C PHE A 800 -25.41 46.73 10.01
N SER A 801 -26.72 46.77 9.77
CA SER A 801 -27.32 47.01 8.45
C SER A 801 -26.92 48.34 7.76
N THR A 802 -26.42 49.29 8.55
CA THR A 802 -25.88 50.56 8.07
C THR A 802 -24.38 50.41 7.72
N ALA A 803 -23.77 49.36 8.28
CA ALA A 803 -22.33 49.30 8.39
C ALA A 803 -21.79 48.03 7.70
N ALA A 804 -20.88 47.29 8.36
CA ALA A 804 -20.20 46.12 7.77
C ALA A 804 -20.42 44.82 8.55
N MET A 805 -20.69 43.74 7.82
CA MET A 805 -20.70 42.38 8.37
C MET A 805 -19.96 41.52 7.36
N GLY A 806 -19.16 40.58 7.87
CA GLY A 806 -18.33 39.77 7.03
C GLY A 806 -18.08 38.36 7.52
N TRP A 807 -17.59 37.53 6.61
CA TRP A 807 -17.19 36.19 6.94
C TRP A 807 -15.71 36.02 6.65
N PHE A 808 -15.00 35.51 7.66
CA PHE A 808 -13.62 35.04 7.51
C PHE A 808 -13.53 33.53 7.75
N ARG A 809 -12.41 32.92 7.31
CA ARG A 809 -12.12 31.53 7.59
C ARG A 809 -10.67 31.37 7.99
N GLN A 810 -10.40 30.32 8.76
CA GLN A 810 -9.03 29.95 9.00
C GLN A 810 -8.87 28.45 9.18
N ALA A 811 -8.04 27.91 8.30
CA ALA A 811 -7.63 26.51 8.32
C ALA A 811 -6.65 26.31 9.51
N PRO A 812 -6.42 25.04 9.93
CA PRO A 812 -5.52 24.78 11.08
C PRO A 812 -4.11 25.34 10.85
N GLY A 813 -3.69 26.23 11.76
CA GLY A 813 -2.41 26.93 11.68
C GLY A 813 -2.26 27.76 10.41
N LYS A 814 -3.23 28.65 10.18
CA LYS A 814 -3.20 29.63 9.06
C LYS A 814 -3.74 31.01 9.52
N GLU A 815 -3.55 32.04 8.70
CA GLU A 815 -4.16 33.36 8.96
C GLU A 815 -5.70 33.35 8.74
N ARG A 816 -6.41 34.25 9.43
CA ARG A 816 -7.82 34.53 9.09
C ARG A 816 -7.92 35.24 7.74
N ASP A 817 -8.53 34.57 6.75
CA ASP A 817 -8.67 35.13 5.41
C ASP A 817 -10.11 35.51 5.09
N PHE A 818 -10.28 36.68 4.48
CA PHE A 818 -11.58 37.19 4.12
C PHE A 818 -12.32 36.29 3.13
N VAL A 819 -13.63 36.17 3.31
CA VAL A 819 -14.46 35.36 2.40
C VAL A 819 -15.45 36.23 1.65
N ALA A 820 -16.29 36.93 2.37
CA ALA A 820 -17.37 37.74 1.78
C ALA A 820 -17.85 38.75 2.79
N GLY A 821 -18.33 39.89 2.29
CA GLY A 821 -18.82 40.94 3.15
C GLY A 821 -20.07 41.54 2.55
N ILE A 822 -20.87 42.21 3.39
CA ILE A 822 -22.09 42.94 2.98
C ILE A 822 -22.11 44.27 3.74
N TYR A 823 -22.50 45.34 3.04
CA TYR A 823 -22.15 46.68 3.49
C TYR A 823 -23.18 47.72 3.17
N TRP A 824 -23.34 48.66 4.11
CA TRP A 824 -24.15 49.86 3.95
C TRP A 824 -25.63 49.57 3.84
N THR A 825 -26.44 50.64 3.84
CA THR A 825 -27.90 50.55 3.60
C THR A 825 -28.27 49.75 2.34
N VAL A 826 -27.58 50.03 1.23
CA VAL A 826 -27.92 49.40 -0.04
C VAL A 826 -27.62 47.88 0.00
N GLY A 827 -26.65 47.50 0.82
CA GLY A 827 -26.33 46.09 1.00
C GLY A 827 -25.49 45.59 -0.14
N SER A 828 -24.48 46.38 -0.48
CA SER A 828 -23.45 46.08 -1.44
C SER A 828 -22.64 44.90 -0.89
N THR A 829 -22.08 44.07 -1.77
CA THR A 829 -21.33 42.87 -1.35
C THR A 829 -19.89 42.93 -1.85
N TYR A 830 -19.04 42.07 -1.29
CA TYR A 830 -17.68 41.93 -1.78
C TYR A 830 -17.23 40.53 -1.45
N TYR A 831 -16.47 39.92 -2.36
CA TYR A 831 -16.07 38.50 -2.22
C TYR A 831 -14.59 38.25 -2.48
N ALA A 832 -13.99 37.31 -1.74
CA ALA A 832 -12.69 36.75 -2.10
C ALA A 832 -12.83 36.07 -3.45
N ASP A 833 -11.80 36.12 -4.29
CA ASP A 833 -11.83 35.43 -5.61
C ASP A 833 -12.28 33.93 -5.53
N SER A 834 -11.78 33.23 -4.51
CA SER A 834 -12.15 31.85 -4.24
C SER A 834 -13.63 31.66 -3.85
N ALA A 835 -14.30 32.72 -3.37
CA ALA A 835 -15.75 32.65 -3.10
C ALA A 835 -16.64 32.97 -4.31
N LYS A 836 -16.10 33.69 -5.30
CA LYS A 836 -16.90 34.14 -6.48
C LYS A 836 -17.46 32.99 -7.26
N GLY A 837 -18.70 33.10 -7.69
CA GLY A 837 -19.37 31.98 -8.37
C GLY A 837 -20.00 30.92 -7.49
N ARG A 838 -19.47 30.76 -6.28
CA ARG A 838 -19.92 29.71 -5.38
C ARG A 838 -20.68 30.08 -4.12
N PHE A 839 -20.27 31.18 -3.49
CA PHE A 839 -20.78 31.63 -2.21
C PHE A 839 -21.62 32.89 -2.41
N THR A 840 -22.65 33.04 -1.60
CA THR A 840 -23.58 34.16 -1.66
C THR A 840 -23.84 34.59 -0.24
N ILE A 841 -23.43 35.82 0.05
CA ILE A 841 -23.72 36.51 1.26
C ILE A 841 -24.99 37.38 1.15
N SER A 842 -25.74 37.43 2.25
CA SER A 842 -27.02 38.10 2.30
C SER A 842 -27.39 38.44 3.74
N ARG A 843 -28.39 39.31 3.87
CA ARG A 843 -28.71 39.99 5.13
C ARG A 843 -30.20 40.00 5.34
N ASP A 844 -30.62 39.82 6.59
CA ASP A 844 -32.01 40.01 7.02
C ASP A 844 -32.00 41.11 8.09
N ASN A 845 -32.17 42.35 7.65
CA ASN A 845 -31.97 43.58 8.49
C ASN A 845 -32.88 43.61 9.71
N ALA A 846 -34.10 43.11 9.54
CA ALA A 846 -35.05 42.87 10.60
C ALA A 846 -34.49 41.93 11.67
N LYS A 847 -33.77 40.86 11.28
CA LYS A 847 -33.32 39.84 12.24
C LYS A 847 -31.94 40.09 12.81
N ASN A 848 -31.28 41.14 12.35
CA ASN A 848 -29.89 41.42 12.69
C ASN A 848 -29.08 40.12 12.50
N THR A 849 -29.21 39.53 11.31
CA THR A 849 -28.54 38.28 10.96
C THR A 849 -28.00 38.37 9.54
N VAL A 850 -26.80 37.82 9.36
CA VAL A 850 -26.15 37.73 8.06
C VAL A 850 -26.04 36.22 7.72
N TYR A 851 -26.09 35.90 6.43
CA TYR A 851 -25.97 34.53 5.95
C TYR A 851 -24.85 34.35 4.95
N LEU A 852 -24.28 33.15 4.94
CA LEU A 852 -23.40 32.74 3.87
C LEU A 852 -23.86 31.38 3.31
N GLN A 853 -24.36 31.39 2.08
CA GLN A 853 -24.73 30.21 1.34
C GLN A 853 -23.48 29.73 0.60
N MET A 854 -23.12 28.48 0.88
CA MET A 854 -21.92 27.87 0.32
C MET A 854 -22.28 26.68 -0.58
N ASP A 855 -22.20 26.91 -1.89
CA ASP A 855 -22.41 25.87 -2.91
C ASP A 855 -21.05 25.46 -3.44
N SER A 856 -20.98 24.30 -4.10
CA SER A 856 -19.75 23.84 -4.74
C SER A 856 -18.55 23.81 -3.81
N LEU A 857 -18.80 23.41 -2.56
CA LEU A 857 -17.77 23.11 -1.58
C LEU A 857 -16.76 22.03 -2.03
N LYS A 858 -15.56 22.09 -1.49
CA LYS A 858 -14.50 21.15 -1.82
C LYS A 858 -13.62 21.02 -0.57
N PRO A 859 -12.76 19.98 -0.47
CA PRO A 859 -12.00 19.86 0.78
C PRO A 859 -11.17 21.10 1.22
N GLU A 860 -10.58 21.83 0.28
CA GLU A 860 -9.83 23.08 0.55
C GLU A 860 -10.61 24.09 1.42
N ASP A 861 -11.93 23.97 1.44
CA ASP A 861 -12.80 24.88 2.19
C ASP A 861 -12.96 24.55 3.68
N THR A 862 -12.44 23.40 4.11
CA THR A 862 -12.48 23.01 5.50
C THR A 862 -11.71 24.05 6.28
N ALA A 863 -12.37 24.58 7.31
CA ALA A 863 -11.88 25.70 8.10
C ALA A 863 -12.87 26.03 9.22
N VAL A 864 -12.41 26.82 10.19
CA VAL A 864 -13.28 27.47 11.16
C VAL A 864 -13.74 28.76 10.46
N TYR A 865 -15.05 28.94 10.35
CA TYR A 865 -15.62 30.15 9.74
C TYR A 865 -16.09 31.12 10.83
N TYR A 866 -15.67 32.39 10.73
CA TYR A 866 -16.02 33.41 11.71
C TYR A 866 -16.81 34.54 11.07
N CYS A 867 -17.95 34.90 11.69
CA CYS A 867 -18.56 36.17 11.33
C CYS A 867 -17.80 37.24 12.08
N ALA A 868 -17.89 38.44 11.54
CA ALA A 868 -17.21 39.63 12.06
C ALA A 868 -18.08 40.84 11.72
N ALA A 869 -17.92 41.92 12.47
CA ALA A 869 -18.72 43.12 12.24
C ALA A 869 -17.97 44.41 12.63
N ARG A 870 -18.40 45.49 12.02
CA ARG A 870 -17.77 46.80 12.20
C ARG A 870 -18.91 47.82 12.18
N ARG A 871 -18.99 48.63 13.24
CA ARG A 871 -20.01 49.68 13.32
C ARG A 871 -19.50 51.02 12.80
N ARG A 872 -18.28 51.39 13.17
CA ARG A 872 -17.68 52.67 12.82
C ARG A 872 -17.60 52.87 11.29
N GLY A 873 -17.95 54.10 10.88
CA GLY A 873 -17.93 54.51 9.48
C GLY A 873 -16.65 54.14 8.77
N PHE A 874 -16.79 53.86 7.48
CA PHE A 874 -15.66 53.49 6.65
C PHE A 874 -15.86 54.14 5.31
N THR A 875 -14.74 54.41 4.63
CA THR A 875 -14.78 55.00 3.29
C THR A 875 -15.00 53.93 2.21
N LEU A 876 -14.24 52.83 2.33
CA LEU A 876 -14.31 51.72 1.40
C LEU A 876 -14.60 50.41 2.12
N ALA A 877 -15.37 49.52 1.48
CA ALA A 877 -15.80 48.25 2.08
C ALA A 877 -14.59 47.54 2.72
N PRO A 878 -14.64 47.32 4.07
CA PRO A 878 -13.53 46.65 4.76
C PRO A 878 -13.43 45.15 4.42
N THR A 879 -12.22 44.73 4.11
CA THR A 879 -12.01 43.35 3.69
C THR A 879 -10.89 42.65 4.48
N ARG A 880 -10.37 43.32 5.49
CA ARG A 880 -9.24 42.80 6.25
C ARG A 880 -9.56 42.67 7.73
N ALA A 881 -9.04 41.62 8.34
CA ALA A 881 -9.40 41.19 9.70
C ALA A 881 -9.28 42.35 10.67
N ASN A 882 -8.16 43.07 10.59
CA ASN A 882 -7.85 44.16 11.52
C ASN A 882 -8.80 45.36 11.36
N GLU A 883 -9.53 45.41 10.26
CA GLU A 883 -10.54 46.46 10.05
C GLU A 883 -11.88 46.17 10.72
N TYR A 884 -12.09 44.96 11.23
CA TYR A 884 -13.33 44.63 11.94
C TYR A 884 -13.14 44.73 13.44
N ASP A 885 -14.22 44.98 14.16
CA ASP A 885 -14.14 45.28 15.58
C ASP A 885 -14.83 44.30 16.49
N TYR A 886 -15.66 43.40 15.93
CA TYR A 886 -16.34 42.33 16.69
C TYR A 886 -16.28 41.02 15.97
N TRP A 887 -16.19 39.93 16.74
CA TRP A 887 -15.99 38.57 16.22
C TRP A 887 -16.86 37.56 16.95
N GLY A 888 -17.47 36.65 16.20
CA GLY A 888 -18.11 35.48 16.75
C GLY A 888 -17.04 34.50 17.23
N GLN A 889 -17.46 33.40 17.85
CA GLN A 889 -16.48 32.42 18.38
C GLN A 889 -15.95 31.49 17.31
N GLY A 890 -16.64 31.42 16.17
CA GLY A 890 -16.26 30.49 15.09
C GLY A 890 -17.11 29.25 15.00
N THR A 891 -17.13 28.66 13.82
CA THR A 891 -17.92 27.46 13.55
C THR A 891 -17.13 26.62 12.55
N GLN A 892 -16.81 25.38 12.93
CA GLN A 892 -16.08 24.48 12.06
C GLN A 892 -16.98 24.03 10.91
N VAL A 893 -16.45 24.10 9.67
CA VAL A 893 -17.04 23.36 8.57
C VAL A 893 -15.99 22.40 8.01
N THR A 894 -16.44 21.16 7.79
CA THR A 894 -15.58 20.08 7.34
C THR A 894 -16.14 19.54 6.02
N VAL A 895 -15.24 19.42 5.04
CA VAL A 895 -15.55 18.89 3.72
C VAL A 895 -14.49 17.84 3.39
N SER A 896 -14.94 16.59 3.25
CA SER A 896 -14.03 15.44 3.16
C SER A 896 -14.16 14.70 1.84
N SER A 897 -13.03 14.16 1.36
CA SER A 897 -12.98 13.38 0.12
C SER A 897 -12.69 11.88 0.33
CA CA B . -5.13 6.83 -26.89
#